data_1GPZ
#
_entry.id   1GPZ
#
_cell.length_a   99.300
_cell.length_b   101.800
_cell.length_c   122.400
_cell.angle_alpha   90.00
_cell.angle_beta   90.00
_cell.angle_gamma   90.00
#
_symmetry.space_group_name_H-M   'P 21 21 21'
#
loop_
_entity.id
_entity.type
_entity.pdbx_description
1 polymer 'COMPLEMENT C1R COMPONENT'
2 branched 2-acetamido-2-deoxy-beta-D-glucopyranose-(1-4)-[alpha-L-fucopyranose-(1-6)]2-acetamido-2-deoxy-beta-D-glucopyranose
3 branched alpha-D-mannopyranose-(1-4)-2-acetamido-2-deoxy-beta-D-glucopyranose-(1-4)-[alpha-L-fucopyranose-(1-6)]2-acetamido-2-deoxy-beta-D-glucopyranose
4 non-polymer 2-acetamido-2-deoxy-beta-D-glucopyranose
5 water water
#
_entity_poly.entity_id   1
_entity_poly.type   'polypeptide(L)'
_entity_poly.pdbx_seq_one_letter_code
;IKCPQPKTLDEFTIIQNLQPQYQFRDYFIATCKQGYQLIEGNQVLHSFTAVCQDDGTWHRAMPRCKIKDCGQPRNLPNGD
FRYTTTMGVNTYKARIQYYCHEPYYKMQTRAGSRESEQGVYTCTAQGIWKNEQKGEKIPRCLPVCGKPVNPVEQRQQIIG
GQKAKMGNFPWQVFTNIHGRGGGALLGDRWILTAAHTLYPKEHEAQSNASLDVFLGHTNVEELMKLGNHPIRRVSVHPDY
RQDESYNFEGDIALLELENSVTLGPNLLPICLPDNDTFYDLGLMGYVSGFGVMEEKIAHDLRFVRLPVANPQACENWLRG
KNRMDVFSQNMFCAGHPSLKQDACQGDSGGVFAVRDPNTDRWVATGIVSWGIGCSRGYGFYTKVLNYVDWIKKEMEEED
;
_entity_poly.pdbx_strand_id   A,B
#
loop_
_chem_comp.id
_chem_comp.type
_chem_comp.name
_chem_comp.formula
FUC L-saccharide, alpha linking alpha-L-fucopyranose 'C6 H12 O5'
MAN D-saccharide, alpha linking alpha-D-mannopyranose 'C6 H12 O6'
NAG D-saccharide, beta linking 2-acetamido-2-deoxy-beta-D-glucopyranose 'C8 H15 N O6'
#
# COMPACT_ATOMS: atom_id res chain seq x y z
N ILE A 1 49.77 13.17 -15.02
CA ILE A 1 49.15 13.47 -16.34
C ILE A 1 48.58 12.19 -16.94
N LYS A 2 48.64 11.10 -16.19
CA LYS A 2 48.05 9.89 -16.72
C LYS A 2 47.55 8.94 -15.68
N CYS A 3 46.48 8.24 -16.05
CA CYS A 3 45.93 7.25 -15.18
C CYS A 3 45.95 5.99 -15.97
N PRO A 4 46.01 4.85 -15.25
CA PRO A 4 46.03 3.47 -15.76
C PRO A 4 44.70 3.14 -16.50
N GLN A 5 44.76 2.86 -17.81
CA GLN A 5 43.61 2.50 -18.58
C GLN A 5 43.12 1.16 -17.92
N PRO A 6 42.34 1.23 -16.80
CA PRO A 6 41.79 0.13 -15.99
C PRO A 6 40.79 -0.87 -16.59
N LYS A 7 40.65 -2.03 -15.90
CA LYS A 7 39.70 -3.09 -16.31
C LYS A 7 38.81 -3.67 -15.19
N THR A 8 37.72 -4.29 -15.60
CA THR A 8 36.73 -4.84 -14.68
C THR A 8 37.22 -6.00 -13.82
N LEU A 9 36.63 -6.14 -12.64
CA LEU A 9 36.98 -7.25 -11.75
C LEU A 9 36.03 -8.45 -11.95
N ASP A 10 35.20 -8.40 -12.99
CA ASP A 10 34.31 -9.50 -13.31
C ASP A 10 33.57 -9.24 -14.58
N GLU A 11 32.71 -10.18 -14.94
CA GLU A 11 31.93 -10.06 -16.16
C GLU A 11 30.60 -9.35 -15.90
N PHE A 12 30.52 -8.59 -14.83
CA PHE A 12 29.28 -7.90 -14.54
C PHE A 12 29.42 -6.39 -14.53
N THR A 13 30.67 -5.95 -14.55
CA THR A 13 31.00 -4.54 -14.57
C THR A 13 31.09 -4.10 -16.02
N ILE A 14 30.62 -2.88 -16.29
CA ILE A 14 30.65 -2.27 -17.61
C ILE A 14 31.23 -0.86 -17.47
N ILE A 15 32.08 -0.48 -18.40
CA ILE A 15 32.67 0.84 -18.34
C ILE A 15 32.01 1.85 -19.28
N GLN A 16 31.70 2.98 -18.67
CA GLN A 16 31.03 4.06 -19.34
C GLN A 16 32.02 5.16 -19.62
N ASN A 17 31.88 5.76 -20.80
CA ASN A 17 32.74 6.86 -21.20
C ASN A 17 34.13 6.29 -21.33
N LEU A 18 34.24 5.15 -22.01
CA LEU A 18 35.57 4.58 -22.15
C LEU A 18 36.34 5.27 -23.26
N GLN A 19 37.61 5.54 -22.99
CA GLN A 19 38.50 6.20 -23.94
C GLN A 19 39.76 5.35 -24.15
N PRO A 20 40.57 5.70 -25.17
CA PRO A 20 41.82 4.99 -25.48
C PRO A 20 42.89 5.17 -24.40
N GLN A 21 42.91 6.37 -23.81
CA GLN A 21 43.86 6.72 -22.76
C GLN A 21 43.16 7.64 -21.76
N TYR A 22 43.70 7.75 -20.55
CA TYR A 22 43.07 8.58 -19.53
C TYR A 22 43.95 9.64 -18.87
N GLN A 23 43.71 10.87 -19.28
CA GLN A 23 44.44 12.05 -18.80
C GLN A 23 43.88 12.53 -17.47
N PHE A 24 44.63 13.41 -16.83
CA PHE A 24 44.22 13.97 -15.56
C PHE A 24 42.89 14.69 -15.76
N ARG A 25 42.12 14.75 -14.67
CA ARG A 25 40.82 15.41 -14.65
C ARG A 25 39.71 14.65 -15.43
N ASP A 26 40.07 13.54 -16.09
CA ASP A 26 39.11 12.70 -16.82
C ASP A 26 38.41 11.79 -15.83
N TYR A 27 37.45 11.03 -16.35
CA TYR A 27 36.69 10.15 -15.49
C TYR A 27 36.14 8.98 -16.29
N PHE A 28 35.89 7.88 -15.60
CA PHE A 28 35.22 6.77 -16.24
C PHE A 28 34.11 6.34 -15.23
N ILE A 29 33.09 5.71 -15.78
CA ILE A 29 31.95 5.29 -14.98
C ILE A 29 31.76 3.78 -15.06
N ALA A 30 31.35 3.23 -13.93
CA ALA A 30 31.11 1.79 -13.82
C ALA A 30 29.65 1.52 -13.51
N THR A 31 29.10 0.48 -14.12
CA THR A 31 27.73 0.05 -13.88
C THR A 31 27.76 -1.42 -14.05
N CYS A 32 26.59 -2.06 -13.97
CA CYS A 32 26.52 -3.51 -14.06
C CYS A 32 25.54 -3.96 -15.11
N LYS A 33 25.61 -5.23 -15.50
CA LYS A 33 24.66 -5.77 -16.46
C LYS A 33 23.36 -5.95 -15.66
N GLN A 34 22.25 -6.25 -16.34
CA GLN A 34 20.96 -6.43 -15.65
C GLN A 34 21.08 -7.47 -14.56
N GLY A 35 20.37 -7.26 -13.46
CA GLY A 35 20.44 -8.22 -12.38
C GLY A 35 21.62 -8.05 -11.44
N TYR A 36 22.59 -7.22 -11.81
CA TYR A 36 23.73 -7.02 -10.94
C TYR A 36 23.88 -5.60 -10.43
N GLN A 37 24.36 -5.46 -9.20
CA GLN A 37 24.53 -4.14 -8.67
C GLN A 37 25.97 -3.87 -8.29
N LEU A 38 26.32 -2.59 -8.22
CA LEU A 38 27.66 -2.19 -7.87
C LEU A 38 27.92 -2.41 -6.39
N ILE A 39 29.04 -3.04 -6.06
CA ILE A 39 29.37 -3.28 -4.67
C ILE A 39 30.78 -2.79 -4.36
N GLU A 40 30.92 -2.16 -3.22
CA GLU A 40 32.23 -1.67 -2.81
C GLU A 40 32.39 -2.15 -1.38
N GLY A 41 33.14 -3.24 -1.22
CA GLY A 41 33.33 -3.80 0.09
C GLY A 41 32.01 -4.48 0.41
N ASN A 42 31.36 -4.03 1.48
CA ASN A 42 30.06 -4.57 1.90
C ASN A 42 29.00 -3.48 1.69
N GLN A 43 29.08 -2.82 0.54
CA GLN A 43 28.19 -1.71 0.27
C GLN A 43 27.71 -1.62 -1.15
N VAL A 44 26.39 -1.44 -1.28
CA VAL A 44 25.79 -1.29 -2.58
C VAL A 44 25.96 0.16 -2.94
N LEU A 45 26.23 0.41 -4.20
CA LEU A 45 26.41 1.78 -4.65
C LEU A 45 25.36 2.04 -5.70
N HIS A 46 24.77 3.22 -5.67
CA HIS A 46 23.77 3.59 -6.67
C HIS A 46 24.57 3.79 -7.95
N SER A 47 25.79 4.30 -7.80
CA SER A 47 26.62 4.53 -8.99
C SER A 47 28.12 4.57 -8.76
N PHE A 48 28.86 4.56 -9.87
CA PHE A 48 30.30 4.69 -9.73
C PHE A 48 31.06 5.55 -10.72
N THR A 49 31.69 6.58 -10.16
CA THR A 49 32.52 7.50 -10.96
C THR A 49 33.90 7.70 -10.39
N ALA A 50 34.89 7.43 -11.24
CA ALA A 50 36.28 7.60 -10.87
C ALA A 50 36.93 8.75 -11.66
N VAL A 51 37.46 9.73 -10.93
CA VAL A 51 38.12 10.84 -11.61
C VAL A 51 39.61 10.62 -11.61
N CYS A 52 40.25 10.84 -12.76
CA CYS A 52 41.68 10.67 -12.89
C CYS A 52 42.49 11.80 -12.21
N GLN A 53 43.08 11.52 -11.05
CA GLN A 53 43.86 12.54 -10.33
C GLN A 53 45.21 12.90 -10.96
N ASP A 54 45.78 14.04 -10.56
CA ASP A 54 47.05 14.54 -11.13
C ASP A 54 48.28 13.64 -10.95
N ASP A 55 48.34 12.97 -9.81
CA ASP A 55 49.42 12.06 -9.53
C ASP A 55 49.35 10.86 -10.47
N GLY A 56 48.49 10.93 -11.47
CA GLY A 56 48.34 9.83 -12.40
C GLY A 56 47.49 8.67 -11.86
N THR A 57 46.93 8.84 -10.66
CA THR A 57 46.09 7.81 -10.02
C THR A 57 44.54 8.07 -9.89
N TRP A 58 43.73 7.04 -10.21
CA TRP A 58 42.26 7.09 -10.08
C TRP A 58 41.82 7.37 -8.64
N HIS A 59 41.01 8.40 -8.46
CA HIS A 59 40.58 8.79 -7.10
C HIS A 59 39.87 7.72 -6.25
N ARG A 60 39.40 6.66 -6.90
CA ARG A 60 38.71 5.58 -6.22
C ARG A 60 38.98 4.20 -6.83
N ALA A 61 38.83 3.18 -6.00
CA ALA A 61 39.08 1.82 -6.41
C ALA A 61 37.96 1.16 -7.24
N MET A 62 38.31 0.57 -8.38
CA MET A 62 37.30 -0.11 -9.22
C MET A 62 36.40 -0.97 -8.33
N PRO A 63 35.07 -0.81 -8.47
CA PRO A 63 34.14 -1.60 -7.64
C PRO A 63 33.85 -2.96 -8.26
N ARG A 64 33.03 -3.75 -7.56
CA ARG A 64 32.65 -5.07 -8.10
C ARG A 64 31.15 -5.11 -8.44
N CYS A 65 30.77 -5.93 -9.44
CA CYS A 65 29.36 -6.11 -9.84
C CYS A 65 28.83 -7.51 -9.48
N LYS A 66 27.98 -7.58 -8.45
CA LYS A 66 27.39 -8.84 -7.99
C LYS A 66 25.90 -9.02 -8.30
N ILE A 67 25.42 -10.25 -8.20
CA ILE A 67 24.01 -10.56 -8.43
C ILE A 67 23.14 -9.87 -7.35
N LYS A 68 21.92 -9.48 -7.72
CA LYS A 68 21.04 -8.80 -6.77
C LYS A 68 20.21 -9.81 -6.00
N ASP A 69 19.60 -9.39 -4.90
CA ASP A 69 18.81 -10.32 -4.11
C ASP A 69 17.43 -9.78 -3.75
N CYS A 70 16.36 -10.40 -4.26
CA CYS A 70 15.00 -9.92 -3.96
C CYS A 70 14.54 -10.17 -2.54
N GLY A 71 15.36 -10.86 -1.75
CA GLY A 71 14.98 -11.13 -0.38
C GLY A 71 13.98 -12.25 -0.18
N GLN A 72 13.49 -12.33 1.06
CA GLN A 72 12.53 -13.33 1.44
C GLN A 72 11.17 -13.01 0.87
N PRO A 73 10.59 -13.92 0.09
CA PRO A 73 9.27 -13.72 -0.53
C PRO A 73 8.26 -13.24 0.48
N ARG A 74 7.33 -12.36 0.09
CA ARG A 74 6.36 -11.95 1.11
C ARG A 74 5.61 -13.22 1.52
N ASN A 75 4.98 -13.16 2.67
CA ASN A 75 4.21 -14.28 3.16
C ASN A 75 2.80 -14.22 2.57
N LEU A 76 2.24 -15.37 2.23
CA LEU A 76 0.90 -15.42 1.68
C LEU A 76 -0.08 -15.95 2.75
N PRO A 77 -0.86 -15.04 3.38
CA PRO A 77 -1.80 -15.49 4.39
C PRO A 77 -2.71 -16.54 3.80
N ASN A 78 -2.79 -17.66 4.50
CA ASN A 78 -3.55 -18.87 4.16
C ASN A 78 -3.00 -19.65 3.04
N GLY A 79 -1.75 -19.38 2.71
CA GLY A 79 -1.12 -20.10 1.64
C GLY A 79 0.34 -20.29 1.97
N ASP A 80 1.13 -20.41 0.92
CA ASP A 80 2.53 -20.61 1.08
C ASP A 80 3.11 -20.60 -0.31
N PHE A 81 4.42 -20.65 -0.36
CA PHE A 81 5.08 -20.65 -1.65
C PHE A 81 6.19 -21.64 -1.50
N ARG A 82 6.71 -22.12 -2.62
CA ARG A 82 7.84 -23.03 -2.62
C ARG A 82 8.83 -22.49 -3.68
N TYR A 83 10.11 -22.81 -3.51
CA TYR A 83 11.12 -22.40 -4.51
C TYR A 83 11.05 -23.38 -5.64
N THR A 84 11.14 -22.85 -6.84
CA THR A 84 11.06 -23.64 -8.05
C THR A 84 12.41 -23.58 -8.68
N THR A 85 13.40 -23.41 -7.84
CA THR A 85 14.73 -23.12 -8.31
C THR A 85 15.50 -23.51 -7.08
N THR A 86 16.81 -23.42 -7.11
CA THR A 86 17.52 -23.81 -5.91
C THR A 86 16.82 -23.26 -4.68
N MET A 87 16.45 -24.16 -3.78
CA MET A 87 15.73 -23.82 -2.55
C MET A 87 16.38 -22.77 -1.67
N GLY A 88 15.58 -21.82 -1.24
CA GLY A 88 16.07 -20.80 -0.36
C GLY A 88 16.92 -19.69 -0.95
N VAL A 89 17.19 -19.74 -2.23
CA VAL A 89 17.99 -18.70 -2.88
C VAL A 89 17.09 -17.61 -3.51
N ASN A 90 17.03 -16.44 -2.89
CA ASN A 90 16.21 -15.34 -3.34
C ASN A 90 16.95 -14.38 -4.22
N THR A 91 17.92 -14.92 -4.91
CA THR A 91 18.78 -14.16 -5.75
C THR A 91 18.18 -13.98 -7.11
N TYR A 92 18.70 -12.99 -7.81
CA TYR A 92 18.25 -12.66 -9.15
C TYR A 92 17.90 -13.86 -9.98
N LYS A 93 16.77 -13.81 -10.64
CA LYS A 93 16.36 -14.92 -11.50
C LYS A 93 15.79 -16.15 -10.78
N ALA A 94 15.68 -16.09 -9.47
CA ALA A 94 15.09 -17.18 -8.74
C ALA A 94 13.56 -17.24 -9.07
N ARG A 95 12.97 -18.42 -8.91
CA ARG A 95 11.55 -18.60 -9.17
C ARG A 95 10.88 -19.33 -8.02
N ILE A 96 9.79 -18.76 -7.51
CA ILE A 96 9.01 -19.38 -6.46
C ILE A 96 7.59 -19.52 -6.93
N GLN A 97 6.85 -20.40 -6.26
CA GLN A 97 5.45 -20.60 -6.60
C GLN A 97 4.59 -20.60 -5.36
N TYR A 98 3.65 -19.69 -5.33
CA TYR A 98 2.72 -19.58 -4.22
C TYR A 98 1.58 -20.55 -4.41
N TYR A 99 0.90 -20.93 -3.33
CA TYR A 99 -0.22 -21.84 -3.46
C TYR A 99 -1.05 -21.67 -2.22
N CYS A 100 -2.32 -22.07 -2.27
CA CYS A 100 -3.22 -21.90 -1.12
C CYS A 100 -3.52 -23.15 -0.37
N HIS A 101 -3.91 -23.03 0.89
CA HIS A 101 -4.21 -24.20 1.71
C HIS A 101 -5.53 -24.80 1.31
N GLU A 102 -5.53 -25.48 0.16
CA GLU A 102 -6.71 -26.17 -0.36
C GLU A 102 -6.91 -27.28 0.68
N PRO A 103 -8.11 -27.83 0.81
CA PRO A 103 -9.35 -27.48 0.09
C PRO A 103 -10.06 -26.29 0.71
N TYR A 104 -9.57 -25.83 1.87
CA TYR A 104 -10.17 -24.71 2.58
C TYR A 104 -10.10 -23.34 1.90
N TYR A 105 -8.98 -23.05 1.23
CA TYR A 105 -8.90 -21.78 0.51
C TYR A 105 -8.55 -22.11 -0.93
N LYS A 106 -8.69 -21.12 -1.80
CA LYS A 106 -8.44 -21.28 -3.23
C LYS A 106 -7.76 -20.00 -3.69
N MET A 107 -6.78 -20.13 -4.57
CA MET A 107 -6.07 -18.96 -5.01
C MET A 107 -6.80 -18.07 -5.98
N GLN A 108 -6.84 -16.78 -5.67
CA GLN A 108 -7.49 -15.79 -6.51
C GLN A 108 -6.66 -15.47 -7.74
N THR A 109 -7.27 -15.66 -8.89
CA THR A 109 -6.66 -15.40 -10.20
C THR A 109 -7.50 -14.31 -10.85
N GLU A 117 -1.10 -22.32 -12.94
CA GLU A 117 0.17 -21.80 -12.45
C GLU A 117 0.27 -20.29 -12.53
N GLN A 118 -0.40 -19.56 -11.64
CA GLN A 118 -0.36 -18.08 -11.65
C GLN A 118 0.38 -17.54 -10.44
N GLY A 119 0.80 -18.42 -9.55
CA GLY A 119 1.48 -17.93 -8.38
C GLY A 119 2.97 -18.02 -8.53
N VAL A 120 3.42 -17.84 -9.76
CA VAL A 120 4.84 -17.90 -10.05
C VAL A 120 5.42 -16.51 -10.07
N TYR A 121 6.34 -16.25 -9.15
CA TYR A 121 7.01 -14.98 -9.09
C TYR A 121 8.49 -15.24 -9.25
N THR A 122 9.14 -14.50 -10.12
CA THR A 122 10.56 -14.69 -10.24
C THR A 122 11.20 -13.41 -9.70
N CYS A 123 12.46 -13.49 -9.30
CA CYS A 123 13.16 -12.33 -8.79
C CYS A 123 13.69 -11.46 -9.97
N THR A 124 13.00 -10.35 -10.19
CA THR A 124 13.30 -9.41 -11.25
C THR A 124 14.68 -8.77 -11.15
N ALA A 125 15.17 -8.25 -12.28
CA ALA A 125 16.45 -7.54 -12.34
C ALA A 125 16.34 -6.31 -11.47
N GLN A 126 15.12 -5.90 -11.21
CA GLN A 126 14.86 -4.75 -10.38
C GLN A 126 15.01 -5.09 -8.88
N GLY A 127 15.30 -6.36 -8.58
CA GLY A 127 15.47 -6.78 -7.18
C GLY A 127 14.23 -7.03 -6.34
N ILE A 128 13.09 -7.30 -6.98
CA ILE A 128 11.86 -7.58 -6.23
C ILE A 128 11.12 -8.70 -6.94
N TRP A 129 10.34 -9.46 -6.19
CA TRP A 129 9.63 -10.58 -6.81
C TRP A 129 8.43 -10.05 -7.59
N LYS A 130 8.29 -10.46 -8.85
CA LYS A 130 7.19 -9.99 -9.69
C LYS A 130 6.54 -11.15 -10.44
N ASN A 131 5.32 -10.95 -10.94
CA ASN A 131 4.65 -12.02 -11.70
C ASN A 131 4.66 -11.83 -13.22
N GLU A 132 4.38 -12.89 -13.96
CA GLU A 132 4.38 -12.82 -15.43
C GLU A 132 3.40 -11.68 -15.86
N GLN A 133 3.10 -10.81 -14.92
CA GLN A 133 2.20 -9.66 -15.06
C GLN A 133 1.09 -9.80 -14.03
N LYS A 134 1.44 -10.23 -12.81
CA LYS A 134 0.46 -10.30 -11.75
C LYS A 134 0.92 -9.24 -10.74
N GLY A 135 1.92 -8.47 -11.19
CA GLY A 135 2.48 -7.38 -10.40
C GLY A 135 3.55 -7.73 -9.38
N GLU A 136 3.70 -6.84 -8.41
CA GLU A 136 4.66 -7.08 -7.36
C GLU A 136 3.84 -7.63 -6.23
N LYS A 137 2.53 -7.53 -6.40
CA LYS A 137 1.54 -7.97 -5.45
C LYS A 137 1.35 -9.49 -5.46
N ILE A 138 1.23 -10.07 -4.27
CA ILE A 138 1.08 -11.51 -4.16
C ILE A 138 -0.35 -11.95 -4.36
N PRO A 139 -0.57 -13.25 -4.58
CA PRO A 139 -1.94 -13.71 -4.79
C PRO A 139 -2.72 -13.59 -3.51
N ARG A 140 -4.01 -13.86 -3.60
CA ARG A 140 -4.89 -13.79 -2.45
C ARG A 140 -5.57 -15.17 -2.32
N CYS A 141 -5.58 -15.75 -1.12
CA CYS A 141 -6.21 -17.05 -0.90
C CYS A 141 -7.60 -16.84 -0.33
N LEU A 142 -8.63 -17.27 -1.05
CA LEU A 142 -9.98 -17.04 -0.58
C LEU A 142 -10.66 -18.23 0.04
N PRO A 143 -11.61 -17.98 0.97
CA PRO A 143 -12.35 -19.06 1.63
C PRO A 143 -13.17 -19.83 0.59
N VAL A 144 -13.20 -21.15 0.69
CA VAL A 144 -13.97 -21.96 -0.24
C VAL A 144 -15.26 -22.24 0.49
N CYS A 145 -16.43 -21.97 -0.12
CA CYS A 145 -17.69 -22.22 0.56
C CYS A 145 -18.41 -23.54 0.19
N GLY A 146 -19.20 -24.08 1.13
CA GLY A 146 -19.99 -25.28 0.95
C GLY A 146 -19.43 -26.66 0.58
N LYS A 147 -18.14 -26.88 0.79
CA LYS A 147 -17.53 -28.16 0.47
C LYS A 147 -16.99 -28.83 1.72
N PRO A 148 -17.87 -29.24 2.63
CA PRO A 148 -17.41 -29.90 3.86
C PRO A 148 -16.39 -30.96 3.58
N VAL A 149 -15.39 -31.07 4.44
CA VAL A 149 -14.35 -32.07 4.26
C VAL A 149 -14.75 -33.42 4.91
N ASN A 150 -15.93 -33.45 5.54
CA ASN A 150 -16.53 -34.62 6.19
C ASN A 150 -18.02 -34.38 6.07
N PRO A 151 -18.53 -34.33 4.84
CA PRO A 151 -19.95 -34.09 4.63
C PRO A 151 -20.87 -35.22 5.10
N VAL A 152 -22.15 -34.89 5.27
CA VAL A 152 -23.19 -35.86 5.66
C VAL A 152 -23.23 -36.93 4.57
N GLU A 153 -23.16 -38.19 5.00
CA GLU A 153 -23.19 -39.32 4.08
C GLU A 153 -24.48 -39.24 3.31
N GLN A 154 -24.43 -39.51 2.01
CA GLN A 154 -25.66 -39.50 1.20
C GLN A 154 -26.15 -40.96 1.10
N ARG A 155 -25.29 -41.88 1.53
CA ARG A 155 -25.58 -43.33 1.54
C ARG A 155 -26.59 -43.70 2.64
N GLN A 156 -27.16 -42.66 3.25
CA GLN A 156 -28.16 -42.80 4.28
C GLN A 156 -29.26 -41.72 4.17
N GLN A 157 -30.47 -42.09 4.60
CA GLN A 157 -31.63 -41.21 4.61
C GLN A 157 -32.32 -41.64 5.90
N ILE A 158 -31.64 -41.35 7.00
CA ILE A 158 -32.05 -41.68 8.35
C ILE A 158 -33.15 -40.79 8.89
N ILE A 159 -34.39 -41.18 8.63
CA ILE A 159 -35.56 -40.45 9.12
C ILE A 159 -35.37 -39.92 10.53
N GLY A 160 -35.66 -38.62 10.71
CA GLY A 160 -35.57 -37.97 12.02
C GLY A 160 -34.21 -37.47 12.48
N GLY A 161 -34.21 -36.89 13.67
CA GLY A 161 -33.00 -36.31 14.23
C GLY A 161 -31.86 -37.26 14.44
N GLN A 162 -30.65 -36.79 14.09
CA GLN A 162 -29.43 -37.55 14.20
C GLN A 162 -28.41 -36.72 14.94
N LYS A 163 -27.44 -37.39 15.54
CA LYS A 163 -26.42 -36.65 16.24
C LYS A 163 -25.51 -36.15 15.13
N ALA A 164 -25.26 -34.85 15.08
CA ALA A 164 -24.37 -34.30 14.06
C ALA A 164 -22.89 -34.64 14.39
N LYS A 165 -22.15 -35.15 13.40
CA LYS A 165 -20.72 -35.44 13.59
C LYS A 165 -19.93 -34.19 13.26
N MET A 166 -18.69 -34.11 13.72
CA MET A 166 -17.82 -32.99 13.40
C MET A 166 -17.54 -33.07 11.88
N GLY A 167 -17.47 -31.92 11.27
CA GLY A 167 -17.27 -31.70 9.86
C GLY A 167 -18.60 -31.67 9.10
N ASN A 168 -19.67 -32.18 9.71
CA ASN A 168 -20.92 -32.22 9.00
C ASN A 168 -21.50 -30.88 8.57
N PHE A 169 -21.59 -29.95 9.49
CA PHE A 169 -22.10 -28.64 9.13
C PHE A 169 -21.04 -27.65 9.58
N PRO A 170 -19.90 -27.66 8.92
CA PRO A 170 -18.79 -26.77 9.27
C PRO A 170 -19.11 -25.29 9.33
N TRP A 171 -20.23 -24.89 8.78
CA TRP A 171 -20.63 -23.48 8.78
C TRP A 171 -21.52 -23.13 10.00
N GLN A 172 -21.86 -24.14 10.79
CA GLN A 172 -22.74 -23.93 11.95
C GLN A 172 -22.26 -22.97 13.02
N VAL A 173 -23.09 -22.04 13.39
CA VAL A 173 -22.70 -21.05 14.38
C VAL A 173 -23.63 -21.10 15.57
N PHE A 174 -23.05 -21.19 16.76
CA PHE A 174 -23.84 -21.23 17.98
C PHE A 174 -23.89 -19.83 18.54
N THR A 175 -25.08 -19.28 18.57
CA THR A 175 -25.20 -17.93 19.06
C THR A 175 -25.91 -17.94 20.37
N ASN A 176 -25.64 -16.93 21.15
CA ASN A 176 -26.26 -16.84 22.45
C ASN A 176 -26.28 -15.40 22.86
N ILE A 177 -27.31 -14.68 22.39
CA ILE A 177 -27.42 -13.26 22.73
C ILE A 177 -28.67 -12.96 23.56
N HIS A 178 -29.86 -13.26 23.06
CA HIS A 178 -31.09 -13.04 23.84
C HIS A 178 -31.69 -14.47 23.84
N GLY A 179 -30.86 -15.42 24.27
CA GLY A 179 -31.23 -16.82 24.25
C GLY A 179 -30.37 -17.59 23.25
N ARG A 180 -30.37 -18.91 23.33
CA ARG A 180 -29.59 -19.73 22.42
C ARG A 180 -30.16 -19.54 21.02
N GLY A 181 -29.26 -19.30 20.05
CA GLY A 181 -29.64 -19.13 18.66
C GLY A 181 -28.57 -19.71 17.71
N GLY A 182 -28.87 -19.68 16.41
CA GLY A 182 -27.92 -20.19 15.44
C GLY A 182 -27.56 -19.23 14.32
N GLY A 183 -26.77 -19.71 13.37
CA GLY A 183 -26.38 -18.87 12.26
C GLY A 183 -25.40 -19.62 11.41
N ALA A 184 -25.07 -19.07 10.25
CA ALA A 184 -24.11 -19.73 9.34
C ALA A 184 -22.96 -18.83 8.96
N LEU A 185 -21.77 -19.38 9.02
CA LEU A 185 -20.57 -18.65 8.66
C LEU A 185 -20.54 -18.43 7.14
N LEU A 186 -20.32 -17.19 6.73
CA LEU A 186 -20.22 -16.90 5.29
C LEU A 186 -18.84 -16.32 5.12
N GLY A 187 -18.12 -16.87 4.15
CA GLY A 187 -16.77 -16.43 3.89
C GLY A 187 -15.84 -16.64 5.07
N ASP A 188 -15.06 -15.62 5.35
CA ASP A 188 -14.04 -15.56 6.38
C ASP A 188 -14.53 -14.90 7.66
N ARG A 189 -15.45 -13.93 7.51
CA ARG A 189 -15.91 -13.14 8.63
C ARG A 189 -17.39 -12.72 8.72
N TRP A 190 -18.30 -13.51 8.20
CA TRP A 190 -19.68 -13.09 8.29
C TRP A 190 -20.55 -14.18 8.79
N ILE A 191 -21.49 -13.85 9.67
CA ILE A 191 -22.40 -14.92 10.05
C ILE A 191 -23.82 -14.44 9.67
N LEU A 192 -24.49 -15.30 8.90
CA LEU A 192 -25.84 -15.07 8.44
C LEU A 192 -26.76 -15.62 9.53
N THR A 193 -27.82 -14.90 9.83
CA THR A 193 -28.72 -15.34 10.88
C THR A 193 -30.04 -14.61 10.77
N ALA A 194 -30.92 -14.81 11.74
CA ALA A 194 -32.21 -14.13 11.71
C ALA A 194 -32.21 -12.83 12.49
N ALA A 195 -33.07 -11.91 12.09
CA ALA A 195 -33.15 -10.62 12.78
C ALA A 195 -33.74 -10.74 14.19
N HIS A 196 -34.75 -11.60 14.33
CA HIS A 196 -35.44 -11.78 15.60
C HIS A 196 -34.54 -12.36 16.64
N THR A 197 -33.39 -12.77 16.19
CA THR A 197 -32.41 -13.35 17.08
C THR A 197 -31.67 -12.24 17.79
N LEU A 198 -31.61 -11.08 17.15
CA LEU A 198 -30.94 -9.91 17.68
C LEU A 198 -31.95 -8.95 18.26
N TYR A 199 -33.12 -8.93 17.63
CA TYR A 199 -34.22 -8.07 18.04
C TYR A 199 -35.45 -8.93 18.11
N PRO A 200 -35.65 -9.60 19.26
CA PRO A 200 -36.83 -10.45 19.36
C PRO A 200 -38.13 -9.65 19.39
N LYS A 201 -39.15 -10.22 18.78
CA LYS A 201 -40.44 -9.57 18.78
C LYS A 201 -41.04 -9.90 20.16
N GLU A 202 -42.15 -9.25 20.52
CA GLU A 202 -42.79 -9.46 21.81
C GLU A 202 -41.81 -9.05 22.92
N HIS A 203 -40.86 -8.18 22.54
CA HIS A 203 -39.83 -7.61 23.42
C HIS A 203 -39.11 -8.54 24.39
N ALA A 209 -25.56 -5.43 23.62
CA ALA A 209 -26.61 -6.42 23.88
C ALA A 209 -25.93 -7.75 24.21
N SER A 210 -24.61 -7.74 24.10
CA SER A 210 -23.74 -8.89 24.32
C SER A 210 -24.01 -9.92 23.23
N LEU A 211 -23.23 -9.85 22.16
CA LEU A 211 -23.40 -10.80 21.11
C LEU A 211 -22.41 -11.90 21.39
N ASP A 212 -22.89 -12.96 22.04
CA ASP A 212 -22.02 -14.08 22.29
C ASP A 212 -22.10 -15.06 21.13
N VAL A 213 -20.96 -15.19 20.45
CA VAL A 213 -20.92 -16.05 19.28
C VAL A 213 -19.79 -17.09 19.28
N PHE A 214 -20.15 -18.35 19.02
CA PHE A 214 -19.16 -19.42 19.00
C PHE A 214 -19.24 -20.24 17.73
N LEU A 215 -18.12 -20.86 17.37
CA LEU A 215 -18.05 -21.67 16.16
C LEU A 215 -16.97 -22.70 16.25
N GLY A 216 -16.96 -23.61 15.28
CA GLY A 216 -15.89 -24.57 15.21
C GLY A 216 -16.06 -25.90 15.88
N HIS A 217 -17.18 -26.13 16.55
CA HIS A 217 -17.32 -27.43 17.21
C HIS A 217 -18.74 -27.88 17.36
N THR A 218 -18.90 -29.19 17.39
CA THR A 218 -20.18 -29.83 17.56
C THR A 218 -20.72 -29.70 19.00
N ASN A 219 -19.85 -29.88 19.99
CA ASN A 219 -20.24 -29.80 21.39
C ASN A 219 -20.26 -28.39 21.95
N VAL A 220 -21.30 -28.07 22.71
CA VAL A 220 -21.45 -26.73 23.25
C VAL A 220 -20.37 -26.25 24.19
N GLU A 221 -20.00 -27.11 25.12
CA GLU A 221 -18.99 -26.73 26.08
C GLU A 221 -17.70 -26.55 25.33
N GLU A 222 -17.40 -27.48 24.44
CA GLU A 222 -16.18 -27.40 23.66
C GLU A 222 -16.16 -26.13 22.80
N LEU A 223 -17.34 -25.76 22.28
CA LEU A 223 -17.50 -24.59 21.44
C LEU A 223 -17.19 -23.36 22.23
N MET A 224 -17.73 -23.33 23.45
CA MET A 224 -17.50 -22.22 24.34
C MET A 224 -16.06 -22.19 24.82
N LYS A 225 -15.42 -23.35 24.90
CA LYS A 225 -14.06 -23.34 25.36
C LYS A 225 -13.24 -22.75 24.28
N LEU A 226 -13.67 -22.95 23.04
CA LEU A 226 -12.95 -22.40 21.87
C LEU A 226 -12.93 -20.89 21.88
N GLY A 227 -13.89 -20.30 22.57
CA GLY A 227 -13.95 -18.86 22.71
C GLY A 227 -14.89 -18.07 21.83
N ASN A 228 -15.41 -16.99 22.39
CA ASN A 228 -16.32 -16.12 21.67
C ASN A 228 -15.62 -15.34 20.54
N HIS A 229 -16.40 -14.97 19.53
CA HIS A 229 -15.89 -14.17 18.41
C HIS A 229 -16.59 -12.84 18.45
N PRO A 230 -15.83 -11.80 18.71
CA PRO A 230 -16.40 -10.46 18.78
C PRO A 230 -17.08 -9.94 17.52
N ILE A 231 -18.26 -9.39 17.67
CA ILE A 231 -18.94 -8.88 16.50
C ILE A 231 -18.55 -7.42 16.36
N ARG A 232 -18.15 -7.04 15.16
CA ARG A 232 -17.78 -5.67 14.84
C ARG A 232 -18.98 -4.83 14.33
N ARG A 233 -19.89 -5.43 13.57
CA ARG A 233 -21.03 -4.71 13.04
C ARG A 233 -22.20 -5.64 12.87
N VAL A 234 -23.39 -5.05 12.93
CA VAL A 234 -24.62 -5.82 12.77
C VAL A 234 -25.44 -5.16 11.67
N SER A 235 -26.01 -5.95 10.76
CA SER A 235 -26.87 -5.37 9.75
C SER A 235 -28.18 -6.08 9.72
N VAL A 236 -29.23 -5.39 10.14
CA VAL A 236 -30.57 -5.99 10.11
C VAL A 236 -31.24 -5.56 8.83
N HIS A 237 -31.85 -6.50 8.13
CA HIS A 237 -32.45 -6.10 6.87
C HIS A 237 -33.57 -5.11 7.10
N PRO A 238 -33.57 -4.01 6.32
CA PRO A 238 -34.56 -2.93 6.40
C PRO A 238 -36.04 -3.33 6.54
N ASP A 239 -36.46 -4.43 5.92
CA ASP A 239 -37.84 -4.79 6.06
C ASP A 239 -38.15 -5.14 7.51
N TYR A 240 -37.51 -6.18 8.03
CA TYR A 240 -37.73 -6.60 9.41
C TYR A 240 -38.27 -5.51 10.29
N ARG A 241 -39.46 -5.72 10.85
CA ARG A 241 -40.06 -4.78 11.78
C ARG A 241 -40.34 -5.58 13.04
N GLN A 242 -39.81 -5.12 14.18
CA GLN A 242 -40.00 -5.86 15.43
C GLN A 242 -41.20 -5.43 16.29
N ASP A 243 -41.60 -4.16 16.18
CA ASP A 243 -42.75 -3.64 16.94
C ASP A 243 -44.03 -4.36 16.53
N GLU A 244 -44.11 -4.79 15.27
CA GLU A 244 -45.29 -5.46 14.73
C GLU A 244 -45.40 -6.95 15.05
N SER A 245 -46.33 -7.27 15.97
CA SER A 245 -46.59 -8.63 16.44
C SER A 245 -46.11 -9.78 15.55
N TYR A 246 -46.39 -9.70 14.25
CA TYR A 246 -45.94 -10.75 13.32
C TYR A 246 -45.87 -10.29 11.85
N ASN A 247 -44.67 -10.24 11.29
CA ASN A 247 -44.47 -9.84 9.90
C ASN A 247 -43.49 -10.81 9.27
N PHE A 248 -42.46 -11.12 10.06
CA PHE A 248 -41.37 -12.02 9.67
C PHE A 248 -40.78 -11.77 8.28
N GLU A 249 -41.12 -10.61 7.73
CA GLU A 249 -40.57 -10.19 6.45
C GLU A 249 -39.31 -9.48 6.93
N GLY A 250 -38.22 -9.65 6.18
CA GLY A 250 -36.95 -9.01 6.55
C GLY A 250 -36.28 -9.62 7.77
N ASP A 251 -36.73 -10.82 8.13
CA ASP A 251 -36.16 -11.51 9.27
C ASP A 251 -34.87 -12.20 8.83
N ILE A 252 -33.82 -11.42 8.75
CA ILE A 252 -32.56 -11.91 8.31
C ILE A 252 -31.55 -10.86 8.71
N ALA A 253 -30.35 -11.27 9.12
CA ALA A 253 -29.35 -10.32 9.57
C ALA A 253 -27.93 -10.78 9.25
N LEU A 254 -26.98 -9.85 9.33
CA LEU A 254 -25.61 -10.18 9.05
C LEU A 254 -24.77 -9.68 10.16
N LEU A 255 -23.83 -10.51 10.60
CA LEU A 255 -22.93 -10.10 11.66
C LEU A 255 -21.52 -10.12 11.07
N GLU A 256 -20.75 -9.07 11.33
CA GLU A 256 -19.39 -9.02 10.85
C GLU A 256 -18.43 -9.27 12.01
N LEU A 257 -17.59 -10.29 11.87
CA LEU A 257 -16.63 -10.62 12.90
C LEU A 257 -15.52 -9.58 12.97
N GLU A 258 -15.18 -9.15 14.17
CA GLU A 258 -14.10 -8.20 14.34
C GLU A 258 -12.86 -8.76 13.69
N ASN A 259 -12.60 -10.03 13.89
CA ASN A 259 -11.42 -10.65 13.27
C ASN A 259 -11.89 -11.80 12.41
N SER A 260 -11.06 -12.27 11.50
CA SER A 260 -11.53 -13.34 10.66
C SER A 260 -11.09 -14.69 11.22
N VAL A 261 -11.89 -15.73 10.93
CA VAL A 261 -11.57 -17.06 11.45
C VAL A 261 -10.72 -17.84 10.46
N THR A 262 -10.07 -18.91 10.93
CA THR A 262 -9.24 -19.70 10.06
C THR A 262 -10.00 -20.94 9.67
N LEU A 263 -10.18 -21.12 8.37
CA LEU A 263 -10.93 -22.25 7.87
C LEU A 263 -10.17 -23.54 8.13
N GLY A 264 -10.90 -24.66 8.01
CA GLY A 264 -10.32 -25.97 8.22
C GLY A 264 -11.45 -26.97 8.17
N PRO A 265 -11.21 -28.25 8.50
CA PRO A 265 -12.27 -29.27 8.46
C PRO A 265 -13.51 -29.08 9.30
N ASN A 266 -13.41 -28.34 10.39
CA ASN A 266 -14.58 -28.14 11.24
C ASN A 266 -15.07 -26.69 11.20
N LEU A 267 -14.60 -25.91 10.24
CA LEU A 267 -15.02 -24.53 10.19
C LEU A 267 -14.88 -24.08 8.78
N LEU A 268 -15.98 -24.09 8.03
CA LEU A 268 -15.98 -23.70 6.63
C LEU A 268 -17.23 -22.93 6.35
N PRO A 269 -17.22 -22.05 5.35
CA PRO A 269 -18.42 -21.27 5.02
C PRO A 269 -19.44 -22.03 4.20
N ILE A 270 -20.67 -21.53 4.19
CA ILE A 270 -21.71 -22.16 3.39
C ILE A 270 -21.91 -21.24 2.19
N CYS A 271 -22.47 -21.75 1.11
CA CYS A 271 -22.66 -20.92 -0.08
C CYS A 271 -24.02 -20.25 -0.11
N LEU A 272 -24.16 -19.25 -0.98
CA LEU A 272 -25.43 -18.55 -1.11
C LEU A 272 -26.22 -19.14 -2.28
N PRO A 273 -27.55 -19.17 -2.19
CA PRO A 273 -28.39 -19.73 -3.24
C PRO A 273 -28.53 -18.75 -4.42
N ASP A 274 -28.96 -19.23 -5.58
CA ASP A 274 -29.07 -18.31 -6.71
C ASP A 274 -30.08 -18.76 -7.77
N ASN A 275 -30.66 -19.92 -7.56
CA ASN A 275 -31.61 -20.43 -8.52
C ASN A 275 -32.88 -20.71 -7.76
N ASP A 276 -33.97 -20.21 -8.28
CA ASP A 276 -35.25 -20.41 -7.64
C ASP A 276 -35.67 -21.83 -7.29
N THR A 277 -35.21 -22.82 -8.05
CA THR A 277 -35.58 -24.22 -7.79
C THR A 277 -35.22 -24.75 -6.40
N PHE A 278 -34.43 -23.98 -5.65
CA PHE A 278 -34.06 -24.41 -4.32
C PHE A 278 -35.25 -24.37 -3.38
N TYR A 279 -36.42 -24.03 -3.93
CA TYR A 279 -37.62 -23.97 -3.11
C TYR A 279 -38.78 -24.76 -3.67
N ASP A 280 -38.45 -25.67 -4.58
CA ASP A 280 -39.43 -26.56 -5.18
C ASP A 280 -39.99 -27.51 -4.12
N LEU A 281 -41.30 -27.78 -4.15
CA LEU A 281 -41.90 -28.70 -3.18
C LEU A 281 -41.19 -30.02 -3.25
N GLY A 282 -41.13 -30.72 -2.11
CA GLY A 282 -40.47 -32.00 -2.07
C GLY A 282 -38.94 -31.99 -2.05
N LEU A 283 -38.27 -30.83 -2.17
CA LEU A 283 -36.82 -30.92 -2.16
C LEU A 283 -36.26 -31.02 -0.76
N MET A 284 -35.44 -32.05 -0.56
CA MET A 284 -34.83 -32.29 0.72
C MET A 284 -33.61 -31.42 1.06
N GLY A 285 -33.61 -30.93 2.29
CA GLY A 285 -32.53 -30.11 2.81
C GLY A 285 -32.25 -30.52 4.25
N TYR A 286 -31.35 -29.78 4.92
CA TYR A 286 -31.00 -30.11 6.30
C TYR A 286 -31.08 -28.96 7.23
N VAL A 287 -31.29 -29.31 8.48
CA VAL A 287 -31.40 -28.31 9.50
C VAL A 287 -30.65 -28.82 10.70
N SER A 288 -29.91 -27.92 11.34
CA SER A 288 -29.13 -28.29 12.51
C SER A 288 -29.24 -27.27 13.62
N GLY A 289 -29.20 -27.78 14.84
CA GLY A 289 -29.28 -26.94 16.00
C GLY A 289 -29.04 -27.72 17.27
N PHE A 290 -29.09 -27.01 18.38
CA PHE A 290 -28.92 -27.60 19.69
C PHE A 290 -30.28 -27.65 20.41
N GLY A 291 -30.96 -28.78 20.29
CA GLY A 291 -32.27 -28.90 20.91
C GLY A 291 -33.39 -28.40 20.00
N ILE A 297 -29.10 -25.21 24.65
CA ILE A 297 -28.21 -26.20 25.26
C ILE A 297 -28.69 -27.67 25.23
N ALA A 298 -28.48 -28.36 24.12
CA ALA A 298 -28.86 -29.77 24.03
C ALA A 298 -27.54 -30.46 24.25
N HIS A 299 -26.53 -29.64 24.55
CA HIS A 299 -25.20 -30.14 24.78
C HIS A 299 -24.51 -30.45 23.47
N ASP A 300 -25.19 -31.14 22.57
CA ASP A 300 -24.60 -31.48 21.27
C ASP A 300 -25.44 -31.15 20.06
N LEU A 301 -24.78 -30.80 18.95
CA LEU A 301 -25.52 -30.45 17.75
C LEU A 301 -26.13 -31.65 17.00
N ARG A 302 -27.38 -31.50 16.66
CA ARG A 302 -28.10 -32.57 15.98
C ARG A 302 -28.64 -32.03 14.67
N PHE A 303 -29.15 -32.92 13.84
CA PHE A 303 -29.68 -32.48 12.57
C PHE A 303 -30.83 -33.34 12.06
N VAL A 304 -31.61 -32.73 11.18
CA VAL A 304 -32.77 -33.36 10.59
C VAL A 304 -32.77 -33.08 9.10
N ARG A 305 -33.14 -34.10 8.35
CA ARG A 305 -33.28 -33.99 6.90
C ARG A 305 -34.80 -33.90 6.67
N LEU A 306 -35.30 -32.75 6.20
CA LEU A 306 -36.73 -32.58 5.95
C LEU A 306 -36.99 -31.99 4.58
N PRO A 307 -38.24 -32.10 4.10
CA PRO A 307 -38.50 -31.54 2.76
C PRO A 307 -39.22 -30.20 2.75
N VAL A 308 -39.02 -29.48 1.64
CA VAL A 308 -39.67 -28.19 1.47
C VAL A 308 -41.16 -28.53 1.34
N ALA A 309 -41.96 -27.99 2.25
CA ALA A 309 -43.37 -28.30 2.22
C ALA A 309 -44.21 -27.25 1.50
N ASN A 310 -45.42 -27.66 1.15
CA ASN A 310 -46.38 -26.78 0.51
C ASN A 310 -46.74 -25.68 1.51
N PRO A 311 -46.58 -24.43 1.10
CA PRO A 311 -46.86 -23.27 1.97
C PRO A 311 -48.12 -23.40 2.84
N GLN A 312 -49.17 -23.98 2.30
CA GLN A 312 -50.39 -24.15 3.08
C GLN A 312 -50.05 -24.89 4.37
N ALA A 313 -49.26 -25.95 4.24
CA ALA A 313 -48.84 -26.73 5.39
C ALA A 313 -48.59 -25.83 6.56
N CYS A 314 -47.83 -24.76 6.36
CA CYS A 314 -47.57 -23.85 7.46
C CYS A 314 -48.71 -22.87 7.62
N GLU A 315 -49.29 -22.44 6.50
CA GLU A 315 -50.41 -21.50 6.54
C GLU A 315 -51.38 -21.99 7.62
N ASN A 316 -51.95 -23.16 7.37
CA ASN A 316 -52.92 -23.84 8.25
C ASN A 316 -52.90 -23.37 9.71
N SER A 328 -46.33 -15.04 3.84
CA SER A 328 -45.34 -14.33 3.04
C SER A 328 -44.88 -15.07 1.79
N GLN A 329 -44.15 -14.33 0.95
CA GLN A 329 -43.61 -14.86 -0.30
C GLN A 329 -42.09 -14.82 -0.15
N ASN A 330 -41.63 -14.23 0.96
CA ASN A 330 -40.20 -14.17 1.28
C ASN A 330 -39.90 -15.31 2.25
N MET A 331 -40.77 -16.31 2.25
CA MET A 331 -40.56 -17.42 3.15
C MET A 331 -40.96 -18.70 2.51
N PHE A 332 -40.69 -19.78 3.21
CA PHE A 332 -41.06 -21.09 2.73
C PHE A 332 -41.24 -21.98 3.95
N CYS A 333 -42.00 -23.03 3.72
CA CYS A 333 -42.36 -23.97 4.74
C CYS A 333 -41.61 -25.28 4.57
N ALA A 334 -41.22 -25.90 5.66
CA ALA A 334 -40.52 -27.17 5.52
C ALA A 334 -40.87 -28.09 6.67
N GLY A 335 -41.04 -29.36 6.34
CA GLY A 335 -41.39 -30.32 7.34
C GLY A 335 -42.09 -31.53 6.78
N HIS A 336 -42.87 -32.17 7.64
CA HIS A 336 -43.59 -33.41 7.32
C HIS A 336 -44.31 -33.71 8.66
N PRO A 337 -45.58 -34.13 8.62
CA PRO A 337 -46.25 -34.40 9.89
C PRO A 337 -45.72 -35.58 10.69
N SER A 338 -45.29 -36.63 10.00
CA SER A 338 -44.71 -37.81 10.66
C SER A 338 -43.36 -37.45 11.27
N LEU A 339 -43.23 -36.26 11.82
CA LEU A 339 -41.96 -35.80 12.35
C LEU A 339 -42.08 -35.15 13.71
N LYS A 340 -43.29 -34.66 13.99
CA LYS A 340 -43.54 -34.00 15.27
C LYS A 340 -42.33 -33.15 15.67
N GLN A 341 -41.97 -33.14 16.95
CA GLN A 341 -40.85 -32.35 17.45
C GLN A 341 -39.58 -32.31 16.60
N ASP A 342 -39.22 -33.41 15.96
CA ASP A 342 -38.02 -33.44 15.12
C ASP A 342 -37.92 -32.36 14.05
N ALA A 343 -38.94 -31.56 13.89
CA ALA A 343 -38.91 -30.55 12.87
C ALA A 343 -38.55 -29.21 13.50
N CYS A 344 -38.00 -29.26 14.70
CA CYS A 344 -37.62 -28.03 15.41
C CYS A 344 -36.14 -28.10 15.70
N GLN A 345 -35.41 -28.96 15.02
CA GLN A 345 -33.96 -29.04 15.25
C GLN A 345 -33.24 -27.73 15.10
N GLY A 346 -33.56 -27.00 14.04
CA GLY A 346 -32.90 -25.72 13.79
C GLY A 346 -33.00 -24.81 14.97
N ASP A 347 -31.99 -23.97 15.18
CA ASP A 347 -31.98 -23.07 16.33
C ASP A 347 -32.45 -21.66 16.18
N SER A 348 -33.08 -21.29 15.08
CA SER A 348 -33.51 -19.90 15.01
C SER A 348 -32.25 -19.05 14.67
N GLY A 349 -32.19 -18.62 13.42
CA GLY A 349 -31.04 -17.89 12.96
C GLY A 349 -30.24 -18.96 12.25
N GLY A 350 -30.62 -20.22 12.50
CA GLY A 350 -29.94 -21.33 11.91
C GLY A 350 -30.23 -21.37 10.42
N VAL A 351 -29.49 -22.22 9.71
CA VAL A 351 -29.68 -22.27 8.28
C VAL A 351 -30.23 -23.57 7.76
N PHE A 352 -31.12 -23.48 6.77
CA PHE A 352 -31.72 -24.64 6.11
C PHE A 352 -30.74 -24.89 4.98
N ALA A 353 -29.95 -25.95 5.07
CA ALA A 353 -28.96 -26.20 4.03
C ALA A 353 -29.29 -27.26 3.01
N VAL A 354 -28.95 -26.98 1.78
CA VAL A 354 -29.20 -27.90 0.70
C VAL A 354 -27.92 -28.29 -0.03
N ARG A 355 -27.81 -29.57 -0.33
CA ARG A 355 -26.66 -30.09 -1.05
C ARG A 355 -27.13 -30.12 -2.51
N ASP A 356 -26.58 -29.21 -3.35
CA ASP A 356 -26.88 -29.12 -4.79
C ASP A 356 -25.80 -30.01 -5.43
N PRO A 357 -26.19 -31.20 -5.87
CA PRO A 357 -25.31 -32.20 -6.48
C PRO A 357 -24.81 -31.89 -7.89
N ASN A 358 -25.49 -30.96 -8.55
CA ASN A 358 -25.13 -30.57 -9.90
C ASN A 358 -24.22 -29.36 -9.71
N THR A 359 -23.19 -29.55 -8.88
CA THR A 359 -22.20 -28.54 -8.54
C THR A 359 -21.59 -28.98 -7.25
N ASP A 360 -22.13 -30.07 -6.74
CA ASP A 360 -21.70 -30.64 -5.49
C ASP A 360 -21.25 -29.61 -4.45
N ARG A 361 -22.17 -28.71 -4.07
CA ARG A 361 -21.93 -27.65 -3.10
C ARG A 361 -23.13 -27.39 -2.22
N TRP A 362 -22.85 -27.15 -0.96
CA TRP A 362 -23.92 -26.86 -0.03
C TRP A 362 -24.30 -25.38 -0.05
N VAL A 363 -25.59 -25.10 -0.14
CA VAL A 363 -25.99 -23.69 -0.12
C VAL A 363 -27.03 -23.46 0.98
N ALA A 364 -27.09 -22.22 1.46
CA ALA A 364 -28.02 -21.84 2.50
C ALA A 364 -29.33 -21.38 1.85
N THR A 365 -30.28 -22.29 1.65
CA THR A 365 -31.52 -21.87 1.02
C THR A 365 -32.44 -21.16 1.99
N GLY A 366 -32.43 -21.56 3.25
CA GLY A 366 -33.30 -20.89 4.19
C GLY A 366 -32.74 -20.53 5.57
N ILE A 367 -33.39 -19.57 6.21
CA ILE A 367 -33.04 -19.12 7.54
C ILE A 367 -34.16 -19.51 8.50
N VAL A 368 -33.84 -20.28 9.52
CA VAL A 368 -34.83 -20.71 10.51
C VAL A 368 -35.50 -19.49 11.12
N SER A 369 -36.81 -19.34 10.88
CA SER A 369 -37.56 -18.19 11.40
C SER A 369 -38.53 -18.52 12.53
N TRP A 370 -39.75 -17.98 12.53
CA TRP A 370 -40.63 -18.32 13.65
C TRP A 370 -41.01 -19.81 13.68
N GLY A 371 -40.64 -20.47 14.79
CA GLY A 371 -40.87 -21.89 14.96
C GLY A 371 -42.23 -22.31 15.48
N ILE A 372 -43.21 -21.46 15.36
CA ILE A 372 -44.53 -21.85 15.82
C ILE A 372 -44.98 -23.05 14.99
N GLY A 373 -45.55 -24.04 15.67
CA GLY A 373 -46.05 -25.22 14.99
C GLY A 373 -45.03 -26.18 14.39
N CYS A 374 -43.80 -26.18 14.91
CA CYS A 374 -42.80 -27.08 14.36
C CYS A 374 -42.99 -28.44 15.01
N SER A 375 -43.87 -28.49 16.01
CA SER A 375 -44.17 -29.73 16.69
C SER A 375 -45.30 -30.41 15.95
N ARG A 376 -45.97 -29.66 15.10
CA ARG A 376 -47.00 -30.27 14.29
C ARG A 376 -46.28 -30.89 13.06
N GLY A 377 -44.95 -30.77 13.04
CA GLY A 377 -44.12 -31.29 11.97
C GLY A 377 -43.52 -30.31 10.95
N TYR A 378 -43.85 -29.02 11.08
CA TYR A 378 -43.35 -28.05 10.10
C TYR A 378 -42.64 -26.82 10.61
N GLY A 379 -41.65 -26.42 9.82
CA GLY A 379 -40.90 -25.24 10.16
C GLY A 379 -41.13 -24.19 9.10
N PHE A 380 -40.96 -22.93 9.49
CA PHE A 380 -41.06 -21.77 8.62
C PHE A 380 -39.61 -21.31 8.41
N TYR A 381 -39.32 -20.67 7.28
CA TYR A 381 -37.96 -20.23 7.01
C TYR A 381 -37.92 -19.05 6.05
N THR A 382 -37.05 -18.07 6.32
CA THR A 382 -36.90 -16.94 5.43
C THR A 382 -36.19 -17.45 4.18
N LYS A 383 -36.63 -17.04 3.01
CA LYS A 383 -36.03 -17.49 1.77
C LYS A 383 -34.78 -16.66 1.51
N VAL A 384 -33.62 -17.29 1.65
CA VAL A 384 -32.38 -16.59 1.45
C VAL A 384 -32.16 -16.07 0.04
N LEU A 385 -32.53 -16.85 -0.98
CA LEU A 385 -32.34 -16.39 -2.38
C LEU A 385 -32.91 -15.02 -2.58
N ASN A 386 -34.01 -14.71 -1.93
CA ASN A 386 -34.62 -13.39 -2.08
C ASN A 386 -33.81 -12.26 -1.46
N TYR A 387 -32.76 -12.56 -0.72
CA TYR A 387 -31.97 -11.48 -0.12
C TYR A 387 -30.48 -11.56 -0.45
N VAL A 388 -30.11 -12.49 -1.32
CA VAL A 388 -28.71 -12.61 -1.66
C VAL A 388 -28.14 -11.23 -2.00
N ASP A 389 -28.79 -10.51 -2.91
CA ASP A 389 -28.29 -9.19 -3.29
C ASP A 389 -27.91 -8.31 -2.09
N TRP A 390 -28.86 -8.16 -1.17
CA TRP A 390 -28.62 -7.36 0.02
C TRP A 390 -27.45 -7.91 0.83
N ILE A 391 -27.37 -9.23 0.92
CA ILE A 391 -26.29 -9.81 1.72
C ILE A 391 -24.96 -9.38 1.11
N LYS A 392 -24.78 -9.74 -0.16
CA LYS A 392 -23.56 -9.42 -0.86
C LYS A 392 -23.26 -7.95 -0.74
N LYS A 393 -24.28 -7.10 -0.86
CA LYS A 393 -24.04 -5.67 -0.74
C LYS A 393 -23.46 -5.39 0.63
N GLU A 394 -24.05 -5.96 1.68
CA GLU A 394 -23.53 -5.76 3.03
C GLU A 394 -22.12 -6.26 3.20
N MET A 395 -21.79 -7.33 2.51
CA MET A 395 -20.45 -7.88 2.63
C MET A 395 -19.39 -7.15 1.81
N GLU A 396 -19.59 -5.89 1.44
CA GLU A 396 -18.53 -5.23 0.66
C GLU A 396 -18.15 -3.80 1.14
N GLU A 397 -17.08 -3.31 0.67
N ILE B 1 -23.03 -27.34 42.09
CA ILE B 1 -21.61 -27.46 41.59
C ILE B 1 -21.19 -26.17 40.87
N LYS B 2 -20.51 -25.29 41.60
CA LYS B 2 -20.08 -23.99 41.08
C LYS B 2 -18.57 -23.62 41.09
N CYS B 3 -18.23 -22.58 40.34
CA CYS B 3 -16.86 -22.07 40.27
C CYS B 3 -16.84 -20.75 40.99
N PRO B 4 -15.65 -20.35 41.45
CA PRO B 4 -15.38 -19.12 42.18
C PRO B 4 -15.62 -17.86 41.38
N GLN B 5 -16.23 -16.85 42.00
CA GLN B 5 -16.45 -15.63 41.27
C GLN B 5 -15.14 -15.39 40.58
N PRO B 6 -15.17 -14.96 39.31
CA PRO B 6 -13.96 -14.70 38.53
C PRO B 6 -13.00 -13.65 39.11
N LYS B 7 -11.71 -13.93 39.01
CA LYS B 7 -10.64 -13.04 39.51
C LYS B 7 -10.75 -11.58 39.04
N THR B 8 -9.78 -11.18 38.20
CA THR B 8 -9.59 -9.84 37.60
C THR B 8 -8.22 -9.49 38.09
N LEU B 9 -7.37 -8.93 37.22
CA LEU B 9 -6.04 -8.61 37.71
C LEU B 9 -5.58 -7.20 37.51
N ASP B 10 -6.50 -6.29 37.20
CA ASP B 10 -6.15 -4.90 37.03
C ASP B 10 -7.38 -4.09 36.78
N GLU B 11 -7.25 -2.77 36.82
CA GLU B 11 -8.41 -1.91 36.64
C GLU B 11 -8.70 -1.80 35.17
N PHE B 12 -7.93 -2.53 34.38
CA PHE B 12 -8.13 -2.47 32.96
C PHE B 12 -8.99 -3.59 32.41
N THR B 13 -8.91 -4.78 33.00
CA THR B 13 -9.70 -5.90 32.57
C THR B 13 -11.21 -5.58 32.79
N ILE B 14 -12.11 -6.40 32.22
CA ILE B 14 -13.58 -6.24 32.38
C ILE B 14 -14.27 -7.58 32.29
N ILE B 15 -15.40 -7.74 32.98
CA ILE B 15 -16.11 -9.00 32.87
C ILE B 15 -17.51 -8.61 32.41
N GLN B 16 -17.94 -9.16 31.29
CA GLN B 16 -19.23 -8.80 30.75
C GLN B 16 -20.39 -9.37 31.50
N ASN B 17 -21.37 -8.52 31.79
CA ASN B 17 -22.58 -8.94 32.49
C ASN B 17 -22.25 -9.85 33.64
N LEU B 18 -21.34 -9.41 34.51
CA LEU B 18 -20.91 -10.21 35.64
C LEU B 18 -21.74 -11.49 35.97
N GLN B 19 -22.42 -11.52 37.11
CA GLN B 19 -23.23 -12.69 37.57
C GLN B 19 -22.94 -12.98 39.05
N PRO B 20 -24.00 -13.06 39.90
CA PRO B 20 -23.80 -13.33 41.32
C PRO B 20 -22.99 -14.57 41.50
N GLN B 21 -23.33 -15.61 40.77
CA GLN B 21 -22.59 -16.84 40.94
C GLN B 21 -22.59 -17.65 39.65
N TYR B 22 -21.62 -18.54 39.53
CA TYR B 22 -21.53 -19.36 38.33
C TYR B 22 -21.44 -20.82 38.72
N GLN B 23 -22.26 -21.64 38.06
CA GLN B 23 -22.22 -23.07 38.27
C GLN B 23 -21.57 -23.62 37.00
N PHE B 24 -21.44 -24.93 36.94
CA PHE B 24 -20.85 -25.58 35.78
C PHE B 24 -21.65 -25.26 34.52
N ARG B 25 -21.03 -25.41 33.34
CA ARG B 25 -21.70 -25.11 32.06
C ARG B 25 -21.74 -23.62 31.72
N ASP B 26 -21.27 -22.80 32.62
CA ASP B 26 -21.32 -21.39 32.36
C ASP B 26 -20.03 -20.87 31.87
N TYR B 27 -20.06 -19.61 31.47
CA TYR B 27 -18.88 -18.97 30.96
C TYR B 27 -18.98 -17.49 31.22
N PHE B 28 -17.87 -16.79 31.15
CA PHE B 28 -17.91 -15.33 31.27
C PHE B 28 -16.85 -14.88 30.24
N ILE B 29 -17.04 -13.69 29.70
CA ILE B 29 -16.13 -13.11 28.71
C ILE B 29 -15.27 -11.96 29.29
N ALA B 30 -14.02 -11.96 28.89
CA ALA B 30 -13.14 -10.91 29.36
C ALA B 30 -12.80 -9.97 28.22
N THR B 31 -12.70 -8.68 28.54
CA THR B 31 -12.35 -7.62 27.60
C THR B 31 -11.61 -6.50 28.34
N CYS B 32 -11.18 -5.48 27.61
CA CYS B 32 -10.49 -4.33 28.23
C CYS B 32 -11.11 -2.97 27.90
N LYS B 33 -10.51 -1.92 28.44
CA LYS B 33 -10.99 -0.57 28.18
C LYS B 33 -10.13 -0.13 27.00
N GLN B 34 -10.54 0.92 26.31
CA GLN B 34 -9.79 1.36 25.17
C GLN B 34 -8.33 1.59 25.57
N GLY B 35 -7.43 1.34 24.63
CA GLY B 35 -6.03 1.55 24.87
C GLY B 35 -5.43 0.30 25.42
N TYR B 36 -6.30 -0.64 25.75
CA TYR B 36 -5.82 -1.88 26.32
C TYR B 36 -6.25 -3.15 25.59
N GLN B 37 -5.38 -4.12 25.59
CA GLN B 37 -5.66 -5.38 24.96
C GLN B 37 -5.47 -6.53 25.97
N LEU B 38 -6.06 -7.68 25.66
CA LEU B 38 -5.96 -8.85 26.50
C LEU B 38 -4.61 -9.50 26.31
N ILE B 39 -3.94 -9.80 27.41
CA ILE B 39 -2.64 -10.48 27.32
C ILE B 39 -2.62 -11.69 28.22
N GLU B 40 -2.04 -12.74 27.69
CA GLU B 40 -1.92 -13.99 28.42
C GLU B 40 -0.48 -14.34 28.28
N GLY B 41 0.29 -14.14 29.35
CA GLY B 41 1.71 -14.42 29.28
C GLY B 41 2.32 -13.38 28.34
N ASN B 42 2.97 -13.83 27.27
CA ASN B 42 3.56 -12.91 26.30
C ASN B 42 2.72 -12.96 25.01
N GLN B 43 1.41 -12.99 25.16
CA GLN B 43 0.51 -13.11 24.03
C GLN B 43 -0.74 -12.24 24.04
N VAL B 44 -0.95 -11.56 22.91
CA VAL B 44 -2.14 -10.75 22.81
C VAL B 44 -3.20 -11.74 22.40
N LEU B 45 -4.40 -11.49 22.88
CA LEU B 45 -5.52 -12.34 22.59
C LEU B 45 -6.57 -11.49 21.92
N HIS B 46 -7.22 -12.00 20.88
CA HIS B 46 -8.30 -11.26 20.23
C HIS B 46 -9.46 -11.26 21.21
N SER B 47 -9.53 -12.28 22.06
CA SER B 47 -10.62 -12.36 22.98
C SER B 47 -10.42 -13.41 24.06
N PHE B 48 -11.31 -13.41 25.05
CA PHE B 48 -11.22 -14.39 26.12
C PHE B 48 -12.51 -14.93 26.71
N THR B 49 -12.59 -16.23 26.72
CA THR B 49 -13.74 -16.88 27.28
C THR B 49 -13.30 -18.04 28.16
N ALA B 50 -13.86 -18.07 29.36
CA ALA B 50 -13.58 -19.12 30.30
C ALA B 50 -14.93 -19.72 30.71
N VAL B 51 -14.99 -21.04 30.67
CA VAL B 51 -16.21 -21.76 31.03
C VAL B 51 -16.03 -22.52 32.36
N CYS B 52 -17.10 -22.55 33.17
CA CYS B 52 -17.09 -23.23 34.48
C CYS B 52 -17.31 -24.70 34.23
N GLN B 53 -16.27 -25.50 34.45
CA GLN B 53 -16.37 -26.94 34.22
C GLN B 53 -17.12 -27.72 35.29
N ASP B 54 -17.20 -29.04 35.12
CA ASP B 54 -17.93 -29.88 36.07
C ASP B 54 -17.31 -30.07 37.45
N ASP B 55 -16.23 -29.34 37.74
CA ASP B 55 -15.56 -29.40 39.03
C ASP B 55 -15.19 -28.01 39.55
N GLY B 56 -16.21 -27.18 39.78
CA GLY B 56 -16.00 -25.85 40.31
C GLY B 56 -14.82 -25.05 39.79
N THR B 57 -14.15 -25.57 38.77
CA THR B 57 -13.01 -24.87 38.20
C THR B 57 -13.25 -24.21 36.83
N TRP B 58 -12.46 -23.18 36.54
CA TRP B 58 -12.49 -22.47 35.26
C TRP B 58 -11.46 -23.09 34.29
N HIS B 59 -11.92 -23.46 33.09
CA HIS B 59 -11.09 -24.09 32.07
C HIS B 59 -9.84 -23.26 31.68
N ARG B 60 -9.81 -21.97 31.97
CA ARG B 60 -8.66 -21.11 31.68
C ARG B 60 -8.37 -19.98 32.68
N ALA B 61 -7.10 -19.60 32.76
CA ALA B 61 -6.69 -18.54 33.69
C ALA B 61 -7.11 -17.10 33.31
N MET B 62 -7.63 -16.35 34.27
CA MET B 62 -8.03 -14.97 34.00
C MET B 62 -6.82 -14.25 33.41
N PRO B 63 -6.97 -13.63 32.21
CA PRO B 63 -5.89 -12.91 31.54
C PRO B 63 -5.66 -11.52 32.12
N ARG B 64 -4.70 -10.79 31.56
CA ARG B 64 -4.41 -9.45 32.01
C ARG B 64 -4.70 -8.46 30.87
N CYS B 65 -5.06 -7.23 31.21
CA CYS B 65 -5.33 -6.20 30.21
C CYS B 65 -4.24 -5.13 30.28
N LYS B 66 -3.20 -5.28 29.46
CA LYS B 66 -2.11 -4.32 29.42
C LYS B 66 -2.34 -3.20 28.37
N ILE B 67 -1.69 -2.08 28.59
CA ILE B 67 -1.81 -0.95 27.67
C ILE B 67 -1.14 -1.23 26.32
N LYS B 68 -1.81 -0.81 25.26
CA LYS B 68 -1.34 -0.95 23.87
C LYS B 68 -0.12 -0.10 23.46
N ASP B 69 0.67 -0.63 22.50
CA ASP B 69 1.87 0.01 21.99
C ASP B 69 1.74 0.07 20.47
N CYS B 70 1.61 1.26 19.88
CA CYS B 70 1.42 1.43 18.41
C CYS B 70 2.80 1.47 17.79
N GLY B 71 3.81 1.13 18.58
CA GLY B 71 5.18 1.07 18.05
C GLY B 71 5.95 2.33 17.65
N GLN B 72 7.11 2.10 17.08
CA GLN B 72 7.93 3.19 16.65
C GLN B 72 7.18 3.90 15.56
N PRO B 73 7.16 5.25 15.60
CA PRO B 73 6.43 5.97 14.54
C PRO B 73 7.09 5.69 13.20
N ARG B 74 6.28 5.76 12.15
CA ARG B 74 6.77 5.52 10.80
C ARG B 74 7.72 6.64 10.44
N ASN B 75 8.86 6.25 9.88
CA ASN B 75 9.89 7.20 9.49
C ASN B 75 9.38 8.18 8.44
N LEU B 76 9.74 9.45 8.62
CA LEU B 76 9.34 10.50 7.69
C LEU B 76 10.53 10.89 6.82
N PRO B 77 10.57 10.38 5.58
CA PRO B 77 11.69 10.72 4.70
C PRO B 77 11.80 12.24 4.60
N ASN B 78 13.03 12.71 4.82
CA ASN B 78 13.41 14.11 4.83
C ASN B 78 12.85 14.88 5.97
N GLY B 79 12.45 14.16 6.99
CA GLY B 79 11.91 14.81 8.15
C GLY B 79 12.26 14.00 9.37
N ASP B 80 11.46 14.19 10.40
CA ASP B 80 11.68 13.51 11.64
C ASP B 80 10.54 13.87 12.56
N PHE B 81 10.60 13.32 13.76
CA PHE B 81 9.60 13.62 14.77
C PHE B 81 10.28 13.71 16.11
N ARG B 82 9.61 14.40 17.03
CA ARG B 82 10.09 14.55 18.40
C ARG B 82 8.90 14.16 19.27
N TYR B 83 9.15 13.43 20.36
CA TYR B 83 8.05 13.04 21.24
C TYR B 83 7.51 14.26 21.94
N THR B 84 6.21 14.42 21.91
CA THR B 84 5.62 15.53 22.58
C THR B 84 5.53 15.11 24.04
N THR B 85 5.51 13.79 24.27
CA THR B 85 5.45 13.26 25.63
C THR B 85 6.71 12.54 26.05
N THR B 86 6.57 11.53 26.87
CA THR B 86 7.75 10.81 27.36
C THR B 86 8.64 10.23 26.26
N MET B 87 9.79 10.85 26.08
CA MET B 87 10.72 10.41 25.07
C MET B 87 10.77 8.88 25.00
N GLY B 88 10.52 8.33 23.81
CA GLY B 88 10.57 6.88 23.64
C GLY B 88 9.37 5.97 23.98
N VAL B 89 8.28 6.52 24.53
CA VAL B 89 7.11 5.73 24.88
C VAL B 89 6.02 5.74 23.81
N ASN B 90 5.91 4.65 23.05
CA ASN B 90 4.93 4.53 21.99
C ASN B 90 3.65 3.86 22.45
N THR B 91 3.33 4.08 23.70
CA THR B 91 2.20 3.49 24.29
C THR B 91 0.97 4.32 24.09
N TYR B 92 -0.17 3.65 24.25
CA TYR B 92 -1.46 4.29 24.11
C TYR B 92 -1.47 5.71 24.64
N LYS B 93 -2.06 6.61 23.88
CA LYS B 93 -2.16 8.01 24.28
C LYS B 93 -0.86 8.83 24.16
N ALA B 94 0.21 8.22 23.68
CA ALA B 94 1.42 8.95 23.45
C ALA B 94 1.21 9.98 22.29
N ARG B 95 2.00 11.05 22.29
CA ARG B 95 1.90 12.09 21.24
C ARG B 95 3.28 12.45 20.66
N ILE B 96 3.39 12.37 19.34
CA ILE B 96 4.63 12.75 18.68
C ILE B 96 4.35 13.84 17.68
N GLN B 97 5.40 14.55 17.31
CA GLN B 97 5.27 15.60 16.31
C GLN B 97 6.31 15.49 15.20
N TYR B 98 5.82 15.32 13.98
CA TYR B 98 6.71 15.18 12.84
C TYR B 98 7.10 16.57 12.40
N TYR B 99 8.24 16.68 11.73
CA TYR B 99 8.65 17.98 11.19
C TYR B 99 9.63 17.73 10.04
N CYS B 100 9.76 18.71 9.13
CA CYS B 100 10.66 18.53 7.98
C CYS B 100 11.99 19.22 8.11
N HIS B 101 12.97 18.72 7.39
CA HIS B 101 14.30 19.33 7.42
C HIS B 101 14.31 20.66 6.70
N GLU B 102 13.73 21.67 7.35
CA GLU B 102 13.70 23.01 6.79
C GLU B 102 15.19 23.42 6.85
N PRO B 103 15.62 24.39 6.03
CA PRO B 103 14.85 25.16 5.06
C PRO B 103 14.69 24.37 3.73
N TYR B 104 15.39 23.26 3.62
CA TYR B 104 15.38 22.47 2.40
C TYR B 104 14.08 21.81 2.02
N TYR B 105 13.34 21.35 3.01
CA TYR B 105 12.04 20.74 2.72
C TYR B 105 11.02 21.44 3.57
N LYS B 106 9.75 21.25 3.24
CA LYS B 106 8.65 21.91 3.92
C LYS B 106 7.54 20.90 4.01
N MET B 107 6.90 20.82 5.16
CA MET B 107 5.84 19.87 5.32
C MET B 107 4.71 20.31 4.40
N GLN B 108 4.13 19.36 3.67
CA GLN B 108 3.02 19.64 2.77
C GLN B 108 1.80 20.07 3.60
N THR B 109 0.99 20.97 3.06
CA THR B 109 -0.12 21.48 3.83
C THR B 109 -1.40 21.87 3.07
N GLY B 119 1.87 18.31 12.13
CA GLY B 119 2.32 16.91 12.07
C GLY B 119 2.22 16.17 13.41
N VAL B 120 1.03 16.20 14.02
CA VAL B 120 0.77 15.60 15.30
C VAL B 120 0.05 14.26 15.26
N TYR B 121 0.69 13.23 15.76
CA TYR B 121 0.04 11.93 15.76
C TYR B 121 0.06 11.38 17.16
N THR B 122 -1.10 10.96 17.63
CA THR B 122 -1.11 10.40 18.96
C THR B 122 -1.35 8.91 18.73
N CYS B 123 -1.04 8.09 19.73
CA CYS B 123 -1.27 6.67 19.59
C CYS B 123 -2.73 6.33 19.99
N THR B 124 -3.52 6.02 18.98
CA THR B 124 -4.92 5.69 19.10
C THR B 124 -5.22 4.45 19.93
N ALA B 125 -6.46 4.37 20.44
CA ALA B 125 -6.89 3.22 21.23
C ALA B 125 -6.82 1.99 20.33
N GLN B 126 -6.85 2.24 19.04
CA GLN B 126 -6.79 1.18 18.06
C GLN B 126 -5.36 0.65 17.91
N GLY B 127 -4.40 1.23 18.64
CA GLY B 127 -3.02 0.76 18.56
C GLY B 127 -2.13 1.22 17.40
N ILE B 128 -2.51 2.32 16.75
CA ILE B 128 -1.73 2.83 15.63
C ILE B 128 -1.68 4.35 15.70
N TRP B 129 -0.57 4.93 15.23
CA TRP B 129 -0.37 6.37 15.25
C TRP B 129 -1.29 7.09 14.24
N LYS B 130 -1.98 8.11 14.70
CA LYS B 130 -2.88 8.83 13.83
C LYS B 130 -2.87 10.34 14.08
N ASN B 131 -3.56 11.09 13.21
CA ASN B 131 -3.69 12.54 13.34
C ASN B 131 -5.02 12.93 12.71
N GLU B 132 -5.76 13.87 13.32
CA GLU B 132 -7.07 14.28 12.80
C GLU B 132 -7.00 14.93 11.42
N GLN B 133 -6.50 14.20 10.44
CA GLN B 133 -6.36 14.68 9.07
C GLN B 133 -5.92 13.46 8.27
N LYS B 134 -4.62 13.38 8.01
CA LYS B 134 -4.05 12.27 7.26
C LYS B 134 -4.43 10.89 7.84
N GLY B 135 -4.78 10.87 9.13
CA GLY B 135 -5.11 9.62 9.81
C GLY B 135 -3.83 8.82 10.08
N GLU B 136 -3.78 7.60 9.61
CA GLU B 136 -2.62 6.75 9.79
C GLU B 136 -1.45 7.16 8.88
N LYS B 137 -1.75 7.91 7.82
CA LYS B 137 -0.72 8.32 6.87
C LYS B 137 0.11 9.48 7.41
N ILE B 138 1.43 9.39 7.24
CA ILE B 138 2.31 10.42 7.75
C ILE B 138 2.40 11.59 6.82
N PRO B 139 2.97 12.70 7.29
CA PRO B 139 3.05 13.85 6.40
C PRO B 139 4.07 13.58 5.30
N ARG B 140 4.16 14.51 4.37
CA ARG B 140 5.09 14.42 3.25
C ARG B 140 6.00 15.69 3.27
N CYS B 141 7.30 15.50 3.18
CA CYS B 141 8.21 16.65 3.18
C CYS B 141 8.61 17.00 1.76
N LEU B 142 8.24 18.17 1.28
CA LEU B 142 8.53 18.53 -0.11
C LEU B 142 9.73 19.44 -0.31
N PRO B 143 10.39 19.33 -1.46
CA PRO B 143 11.55 20.15 -1.79
C PRO B 143 11.12 21.61 -1.84
N VAL B 144 11.94 22.48 -1.32
CA VAL B 144 11.62 23.88 -1.36
C VAL B 144 12.46 24.45 -2.50
N CYS B 145 11.85 25.22 -3.42
CA CYS B 145 12.64 25.77 -4.54
C CYS B 145 12.93 27.26 -4.52
N GLY B 146 13.91 27.70 -5.30
CA GLY B 146 14.21 29.12 -5.33
C GLY B 146 14.90 29.83 -4.18
N LYS B 147 15.03 29.23 -3.00
CA LYS B 147 15.66 29.94 -1.88
C LYS B 147 17.07 29.49 -1.57
N PRO B 148 18.05 29.88 -2.38
CA PRO B 148 19.41 29.45 -2.06
C PRO B 148 19.84 29.90 -0.66
N VAL B 149 20.81 29.20 -0.08
CA VAL B 149 21.33 29.54 1.25
C VAL B 149 22.30 30.71 1.11
N ASN B 150 23.15 30.65 0.09
CA ASN B 150 24.12 31.68 -0.17
C ASN B 150 24.00 32.29 -1.58
N PRO B 151 22.98 33.13 -1.80
CA PRO B 151 22.77 33.77 -3.10
C PRO B 151 23.86 34.77 -3.43
N VAL B 152 24.01 35.07 -4.72
CA VAL B 152 25.01 36.03 -5.19
C VAL B 152 24.58 37.39 -4.66
N GLU B 153 25.53 38.32 -4.60
CA GLU B 153 25.26 39.68 -4.13
C GLU B 153 24.29 40.38 -5.06
N GLN B 154 23.26 41.00 -4.50
CA GLN B 154 22.30 41.71 -5.32
C GLN B 154 22.97 42.89 -5.96
N ARG B 155 22.94 42.95 -7.29
CA ARG B 155 23.56 44.07 -8.00
C ARG B 155 22.53 44.61 -8.95
N GLN B 156 22.89 45.54 -9.82
CA GLN B 156 21.89 46.04 -10.75
C GLN B 156 22.45 46.51 -12.04
N GLN B 157 23.43 45.78 -12.52
CA GLN B 157 24.02 46.12 -13.77
C GLN B 157 24.66 44.92 -14.42
N ILE B 158 24.56 44.88 -15.73
CA ILE B 158 25.17 43.82 -16.50
C ILE B 158 26.56 43.46 -15.97
N ILE B 159 26.74 42.24 -15.52
CA ILE B 159 28.04 41.85 -15.03
C ILE B 159 28.55 40.64 -15.80
N GLY B 160 29.79 40.77 -16.30
CA GLY B 160 30.41 39.68 -17.05
C GLY B 160 30.97 38.60 -16.16
N GLY B 161 31.73 37.67 -16.76
CA GLY B 161 32.30 36.53 -16.03
C GLY B 161 32.81 36.68 -14.60
N GLN B 162 32.41 35.76 -13.73
CA GLN B 162 32.85 35.77 -12.37
C GLN B 162 32.77 34.35 -11.92
N LYS B 163 33.57 33.98 -10.93
CA LYS B 163 33.57 32.61 -10.39
C LYS B 163 32.41 32.50 -9.42
N ALA B 164 31.60 31.47 -9.58
CA ALA B 164 30.46 31.26 -8.70
C ALA B 164 30.91 30.59 -7.39
N LYS B 165 30.21 30.92 -6.30
CA LYS B 165 30.47 30.32 -4.99
C LYS B 165 29.61 29.06 -4.85
N MET B 166 29.87 28.28 -3.80
CA MET B 166 29.19 26.99 -3.60
C MET B 166 27.67 26.86 -3.67
N GLY B 167 27.02 27.80 -3.03
CA GLY B 167 25.59 27.82 -2.94
C GLY B 167 24.98 28.86 -3.82
N ASN B 168 25.75 29.45 -4.72
CA ASN B 168 25.19 30.47 -5.59
C ASN B 168 24.10 29.96 -6.52
N PHE B 169 24.37 28.91 -7.27
CA PHE B 169 23.38 28.37 -8.13
C PHE B 169 23.21 26.88 -7.76
N PRO B 170 22.68 26.64 -6.55
CA PRO B 170 22.48 25.28 -6.04
C PRO B 170 21.72 24.33 -6.96
N TRP B 171 21.02 24.87 -7.95
CA TRP B 171 20.28 24.03 -8.89
C TRP B 171 21.13 23.62 -10.12
N GLN B 172 22.34 24.13 -10.20
CA GLN B 172 23.19 23.89 -11.37
C GLN B 172 23.58 22.46 -11.64
N VAL B 173 23.40 22.00 -12.88
CA VAL B 173 23.70 20.63 -13.20
C VAL B 173 24.68 20.59 -14.33
N PHE B 174 25.75 19.81 -14.13
CA PHE B 174 26.77 19.61 -15.14
C PHE B 174 26.44 18.33 -15.89
N THR B 175 26.19 18.48 -17.18
CA THR B 175 25.85 17.40 -18.13
C THR B 175 27.05 17.11 -19.02
N ASN B 176 27.03 15.96 -19.66
CA ASN B 176 28.11 15.56 -20.55
C ASN B 176 27.61 14.35 -21.31
N ILE B 177 26.99 14.61 -22.45
CA ILE B 177 26.36 13.62 -23.33
C ILE B 177 26.70 14.30 -24.61
N HIS B 178 27.52 13.74 -25.48
CA HIS B 178 27.81 14.53 -26.69
C HIS B 178 28.72 15.72 -26.40
N GLY B 179 28.87 16.12 -25.15
CA GLY B 179 29.71 17.25 -24.86
C GLY B 179 29.21 18.01 -23.68
N ARG B 180 30.00 18.97 -23.23
CA ARG B 180 29.58 19.73 -22.06
C ARG B 180 28.24 20.44 -22.17
N GLY B 181 27.40 20.17 -21.17
CA GLY B 181 26.08 20.78 -21.12
C GLY B 181 25.71 21.16 -19.70
N GLY B 182 24.57 21.83 -19.57
CA GLY B 182 24.10 22.21 -18.26
C GLY B 182 22.64 21.81 -18.12
N GLY B 183 22.07 22.16 -16.99
CA GLY B 183 20.68 21.85 -16.74
C GLY B 183 20.39 22.31 -15.34
N ALA B 184 19.11 22.29 -14.95
CA ALA B 184 18.70 22.74 -13.61
C ALA B 184 17.88 21.69 -12.90
N LEU B 185 18.26 21.46 -11.66
CA LEU B 185 17.57 20.50 -10.83
C LEU B 185 16.18 21.02 -10.49
N LEU B 186 15.16 20.20 -10.72
CA LEU B 186 13.82 20.59 -10.35
C LEU B 186 13.37 19.58 -9.31
N GLY B 187 12.88 20.08 -8.18
CA GLY B 187 12.41 19.20 -7.13
C GLY B 187 13.50 18.34 -6.56
N ASP B 188 13.17 17.08 -6.37
CA ASP B 188 14.01 16.04 -5.79
C ASP B 188 14.73 15.23 -6.84
N ARG B 189 14.08 15.04 -7.99
CA ARG B 189 14.61 14.16 -9.03
C ARG B 189 14.44 14.53 -10.51
N TRP B 190 14.39 15.80 -10.82
CA TRP B 190 14.25 16.15 -12.21
C TRP B 190 15.27 17.15 -12.67
N ILE B 191 15.83 16.95 -13.84
CA ILE B 191 16.71 17.99 -14.31
C ILE B 191 16.13 18.55 -15.62
N LEU B 192 15.91 19.87 -15.64
CA LEU B 192 15.41 20.58 -16.82
C LEU B 192 16.63 20.90 -17.68
N THR B 193 16.50 20.77 -18.98
CA THR B 193 17.62 21.05 -19.84
C THR B 193 17.12 21.21 -21.27
N ALA B 194 18.03 21.32 -22.23
CA ALA B 194 17.64 21.48 -23.64
C ALA B 194 17.60 20.16 -24.39
N ALA B 195 16.73 20.08 -25.38
CA ALA B 195 16.62 18.88 -26.16
C ALA B 195 17.88 18.61 -27.03
N HIS B 196 18.45 19.68 -27.57
CA HIS B 196 19.59 19.55 -28.45
C HIS B 196 20.80 19.05 -27.72
N THR B 197 20.64 18.96 -26.41
CA THR B 197 21.70 18.49 -25.57
C THR B 197 21.72 16.97 -25.58
N LEU B 198 20.57 16.39 -25.83
CA LEU B 198 20.36 14.96 -25.89
C LEU B 198 20.33 14.49 -27.31
N TYR B 199 19.80 15.35 -28.18
CA TYR B 199 19.66 15.08 -29.60
C TYR B 199 20.18 16.27 -30.37
N PRO B 200 21.48 16.29 -30.70
CA PRO B 200 22.03 17.41 -31.45
C PRO B 200 21.50 17.45 -32.87
N LYS B 201 21.63 18.63 -33.48
CA LYS B 201 21.20 18.87 -34.86
C LYS B 201 22.27 18.43 -35.85
N GLU B 202 23.53 18.37 -35.40
CA GLU B 202 24.62 17.94 -36.27
C GLU B 202 24.37 16.47 -36.67
N HIS B 203 25.41 15.79 -37.17
CA HIS B 203 25.30 14.38 -37.56
C HIS B 203 26.51 13.93 -38.36
N GLN B 206 27.29 11.87 -31.53
CA GLN B 206 28.02 10.64 -31.19
C GLN B 206 27.16 9.37 -31.16
N SER B 207 25.86 9.49 -31.41
CA SER B 207 24.92 8.35 -31.39
C SER B 207 24.96 7.43 -30.13
N ASN B 208 25.97 6.60 -29.96
CA ASN B 208 25.99 5.74 -28.77
C ASN B 208 26.53 6.45 -27.51
N ALA B 209 26.00 7.61 -27.12
CA ALA B 209 26.53 8.30 -25.93
C ALA B 209 25.72 8.24 -24.67
N SER B 210 26.38 7.85 -23.58
CA SER B 210 25.73 7.77 -22.28
C SER B 210 25.28 9.13 -21.67
N LEU B 211 24.35 9.11 -20.74
CA LEU B 211 23.95 10.37 -20.15
C LEU B 211 24.64 10.62 -18.80
N ASP B 212 25.83 11.18 -18.86
CA ASP B 212 26.56 11.48 -17.66
C ASP B 212 26.10 12.75 -16.98
N VAL B 213 25.63 12.62 -15.75
CA VAL B 213 25.11 13.79 -15.07
C VAL B 213 25.69 13.99 -13.68
N PHE B 214 26.13 15.22 -13.40
CA PHE B 214 26.68 15.52 -12.09
C PHE B 214 26.07 16.74 -11.45
N LEU B 215 26.14 16.83 -10.13
CA LEU B 215 25.53 17.95 -9.40
C LEU B 215 26.16 18.12 -8.06
N GLY B 216 25.83 19.22 -7.41
CA GLY B 216 26.31 19.43 -6.07
C GLY B 216 27.59 20.18 -5.84
N HIS B 217 28.28 20.60 -6.89
CA HIS B 217 29.51 21.33 -6.65
C HIS B 217 29.88 22.28 -7.75
N THR B 218 30.60 23.31 -7.36
CA THR B 218 31.10 24.34 -8.24
C THR B 218 32.23 23.83 -9.15
N ASN B 219 33.17 23.06 -8.59
CA ASN B 219 34.30 22.55 -9.33
C ASN B 219 34.01 21.27 -10.09
N VAL B 220 34.44 21.20 -11.35
CA VAL B 220 34.19 20.03 -12.19
C VAL B 220 34.73 18.71 -11.70
N GLU B 221 35.99 18.72 -11.27
CA GLU B 221 36.60 17.49 -10.82
C GLU B 221 35.88 17.07 -9.57
N GLU B 222 35.65 18.02 -8.67
CA GLU B 222 34.94 17.72 -7.43
C GLU B 222 33.53 17.19 -7.69
N LEU B 223 32.87 17.75 -8.71
CA LEU B 223 31.52 17.35 -9.14
C LEU B 223 31.56 15.93 -9.61
N MET B 224 32.55 15.61 -10.42
CA MET B 224 32.70 14.29 -10.92
C MET B 224 33.09 13.32 -9.79
N LYS B 225 33.78 13.83 -8.79
CA LYS B 225 34.18 12.93 -7.73
C LYS B 225 32.95 12.57 -6.95
N LEU B 226 32.00 13.50 -6.91
CA LEU B 226 30.75 13.28 -6.18
C LEU B 226 29.94 12.17 -6.81
N GLY B 227 30.23 11.85 -8.07
CA GLY B 227 29.53 10.79 -8.76
C GLY B 227 28.36 11.11 -9.69
N ASN B 228 28.25 10.30 -10.73
CA ASN B 228 27.19 10.45 -11.69
C ASN B 228 25.83 10.07 -11.10
N HIS B 229 24.76 10.65 -11.67
CA HIS B 229 23.40 10.34 -11.26
C HIS B 229 22.71 9.69 -12.43
N PRO B 230 22.37 8.43 -12.25
CA PRO B 230 21.71 7.72 -13.33
C PRO B 230 20.36 8.26 -13.78
N ILE B 231 20.19 8.37 -15.09
CA ILE B 231 18.91 8.84 -15.59
C ILE B 231 18.00 7.65 -15.82
N ARG B 232 16.78 7.75 -15.30
CA ARG B 232 15.78 6.71 -15.44
C ARG B 232 14.91 6.92 -16.69
N ARG B 233 14.53 8.16 -16.97
CA ARG B 233 13.68 8.47 -18.13
C ARG B 233 14.04 9.79 -18.75
N VAL B 234 13.78 9.90 -20.05
CA VAL B 234 14.05 11.14 -20.76
C VAL B 234 12.78 11.59 -21.46
N SER B 235 12.45 12.87 -21.35
CA SER B 235 11.26 13.35 -22.05
C SER B 235 11.65 14.53 -22.88
N VAL B 236 11.61 14.37 -24.20
CA VAL B 236 11.88 15.48 -25.10
C VAL B 236 10.55 16.09 -25.52
N HIS B 237 10.46 17.39 -25.47
CA HIS B 237 9.18 17.99 -25.83
C HIS B 237 8.85 17.73 -27.28
N PRO B 238 7.62 17.29 -27.53
CA PRO B 238 7.09 16.97 -28.86
C PRO B 238 7.39 17.93 -30.02
N ASP B 239 7.37 19.24 -29.80
CA ASP B 239 7.63 20.19 -30.89
C ASP B 239 9.07 20.16 -31.43
N TYR B 240 10.00 19.77 -30.58
CA TYR B 240 11.39 19.73 -30.99
C TYR B 240 11.57 18.87 -32.21
N ARG B 241 12.38 19.37 -33.14
CA ARG B 241 12.62 18.63 -34.37
C ARG B 241 14.07 18.52 -34.68
N GLN B 242 14.71 17.46 -34.24
CA GLN B 242 16.13 17.30 -34.55
C GLN B 242 16.32 17.34 -36.07
N ASP B 243 17.55 17.56 -36.51
CA ASP B 243 17.85 17.61 -37.94
C ASP B 243 16.97 18.61 -38.69
N GLU B 244 16.91 19.82 -38.17
CA GLU B 244 16.12 20.88 -38.77
C GLU B 244 16.82 22.16 -38.46
N SER B 245 18.13 22.06 -38.24
CA SER B 245 18.96 23.24 -37.94
C SER B 245 18.35 24.51 -38.53
N TYR B 246 17.46 25.15 -37.77
CA TYR B 246 16.77 26.37 -38.18
C TYR B 246 15.33 26.26 -37.69
N ASN B 247 15.18 25.85 -36.43
CA ASN B 247 13.86 25.71 -35.85
C ASN B 247 14.01 25.19 -34.43
N PHE B 248 14.93 25.79 -33.66
CA PHE B 248 15.16 25.38 -32.26
C PHE B 248 13.87 25.50 -31.39
N GLU B 249 12.72 25.37 -32.04
CA GLU B 249 11.41 25.37 -31.43
C GLU B 249 11.32 24.18 -30.50
N GLY B 250 10.70 24.34 -29.34
CA GLY B 250 10.61 23.21 -28.42
C GLY B 250 11.94 22.65 -27.91
N ASP B 251 13.02 23.43 -27.87
CA ASP B 251 14.27 22.89 -27.39
C ASP B 251 14.27 22.83 -25.89
N ILE B 252 13.70 21.78 -25.35
CA ILE B 252 13.58 21.66 -23.91
C ILE B 252 13.35 20.20 -23.57
N ALA B 253 13.95 19.72 -22.49
CA ALA B 253 13.81 18.32 -22.12
C ALA B 253 13.77 18.10 -20.62
N LEU B 254 13.31 16.93 -20.20
CA LEU B 254 13.27 16.60 -18.79
C LEU B 254 13.95 15.29 -18.56
N LEU B 255 14.80 15.23 -17.54
CA LEU B 255 15.49 14.00 -17.19
C LEU B 255 14.99 13.59 -15.82
N GLU B 256 14.66 12.31 -15.65
CA GLU B 256 14.24 11.82 -14.35
C GLU B 256 15.37 10.99 -13.72
N LEU B 257 15.82 11.40 -12.55
CA LEU B 257 16.85 10.68 -11.87
C LEU B 257 16.34 9.33 -11.35
N GLU B 258 17.12 8.27 -11.57
CA GLU B 258 16.77 6.96 -11.05
C GLU B 258 16.51 7.05 -9.55
N ASN B 259 17.34 7.79 -8.84
CA ASN B 259 17.16 7.93 -7.40
C ASN B 259 17.09 9.39 -7.12
N SER B 260 16.55 9.78 -5.97
CA SER B 260 16.44 11.19 -5.69
C SER B 260 17.63 11.68 -4.91
N VAL B 261 17.95 12.97 -5.05
CA VAL B 261 19.10 13.55 -4.38
C VAL B 261 18.68 14.16 -3.06
N THR B 262 19.64 14.40 -2.19
CA THR B 262 19.33 15.01 -0.90
C THR B 262 19.70 16.48 -0.94
N LEU B 263 18.69 17.30 -0.69
CA LEU B 263 18.89 18.75 -0.70
C LEU B 263 19.80 19.21 0.41
N GLY B 264 20.31 20.41 0.27
CA GLY B 264 21.23 20.98 1.24
C GLY B 264 21.72 22.31 0.69
N PRO B 265 22.65 22.99 1.35
CA PRO B 265 23.15 24.28 0.87
C PRO B 265 23.77 24.35 -0.53
N ASN B 266 24.31 23.25 -1.04
CA ASN B 266 24.89 23.29 -2.37
C ASN B 266 24.08 22.50 -3.39
N LEU B 267 22.86 22.12 -3.03
CA LEU B 267 22.05 21.34 -3.95
C LEU B 267 20.61 21.61 -3.64
N LEU B 268 19.98 22.51 -4.37
CA LEU B 268 18.59 22.84 -4.15
C LEU B 268 17.96 23.03 -5.49
N PRO B 269 16.64 22.89 -5.58
CA PRO B 269 15.94 23.05 -6.86
C PRO B 269 15.65 24.49 -7.21
N ILE B 270 15.38 24.74 -8.49
CA ILE B 270 15.05 26.09 -8.91
C ILE B 270 13.53 26.06 -9.13
N CYS B 271 12.87 27.22 -9.09
CA CYS B 271 11.43 27.28 -9.29
C CYS B 271 11.03 27.45 -10.75
N LEU B 272 9.75 27.19 -11.04
CA LEU B 272 9.24 27.36 -12.40
C LEU B 272 8.45 28.68 -12.42
N PRO B 273 8.44 29.41 -13.54
CA PRO B 273 7.71 30.69 -13.65
C PRO B 273 6.19 30.60 -13.56
N ASP B 274 5.55 31.73 -13.27
CA ASP B 274 4.07 31.79 -13.26
C ASP B 274 3.84 32.71 -14.39
N ASN B 275 2.65 33.25 -14.38
CA ASN B 275 2.27 34.19 -15.36
C ASN B 275 2.55 35.51 -14.60
N ASP B 276 2.67 35.41 -13.28
CA ASP B 276 2.93 36.56 -12.44
C ASP B 276 4.42 36.81 -12.22
N THR B 277 5.25 35.85 -12.60
CA THR B 277 6.68 36.00 -12.40
C THR B 277 7.27 37.19 -13.12
N PHE B 278 8.05 37.96 -12.37
CA PHE B 278 8.73 39.13 -12.88
C PHE B 278 9.41 38.76 -14.22
N TYR B 279 8.96 39.39 -15.28
CA TYR B 279 9.56 39.15 -16.58
C TYR B 279 9.08 40.10 -17.64
N ASP B 280 10.04 40.81 -18.24
CA ASP B 280 9.83 41.74 -19.30
C ASP B 280 11.18 42.11 -19.94
N LEU B 281 11.11 42.78 -21.08
CA LEU B 281 12.29 43.22 -21.81
C LEU B 281 13.24 44.07 -20.91
N GLY B 282 14.55 43.89 -20.98
CA GLY B 282 15.40 44.71 -20.13
C GLY B 282 15.65 44.20 -18.71
N LEU B 283 14.89 43.20 -18.28
CA LEU B 283 15.01 42.60 -16.95
C LEU B 283 16.26 41.73 -16.81
N MET B 284 17.00 41.98 -15.74
CA MET B 284 18.21 41.25 -15.48
C MET B 284 18.01 39.84 -14.88
N GLY B 285 18.79 38.91 -15.40
CA GLY B 285 18.78 37.52 -14.99
C GLY B 285 20.21 37.00 -14.95
N TYR B 286 20.37 35.72 -14.62
CA TYR B 286 21.71 35.15 -14.55
C TYR B 286 21.87 33.89 -15.35
N VAL B 287 23.11 33.67 -15.70
CA VAL B 287 23.44 32.53 -16.46
C VAL B 287 24.76 31.97 -15.92
N SER B 288 24.82 30.64 -15.79
CA SER B 288 26.00 29.98 -15.28
C SER B 288 26.37 28.77 -16.11
N GLY B 289 27.67 28.55 -16.19
CA GLY B 289 28.18 27.43 -16.98
C GLY B 289 29.66 27.27 -16.75
N PHE B 290 30.26 26.24 -17.35
CA PHE B 290 31.68 26.00 -17.15
C PHE B 290 32.49 26.24 -18.39
N GLY B 291 31.98 25.75 -19.51
CA GLY B 291 32.68 25.94 -20.77
C GLY B 291 32.69 27.40 -21.20
N ILE B 297 38.26 23.73 -21.87
CA ILE B 297 38.68 23.70 -20.47
C ILE B 297 37.47 23.56 -19.56
N ALA B 298 37.10 24.67 -18.92
CA ALA B 298 35.96 24.71 -18.00
C ALA B 298 36.27 24.08 -16.65
N HIS B 299 36.83 24.87 -15.73
CA HIS B 299 37.12 24.36 -14.40
C HIS B 299 36.24 25.25 -13.51
N ASP B 300 35.62 24.72 -12.48
CA ASP B 300 34.80 25.62 -11.66
C ASP B 300 33.70 26.33 -12.43
N LEU B 301 32.66 26.75 -11.70
CA LEU B 301 31.52 27.38 -12.31
C LEU B 301 31.63 28.89 -12.37
N ARG B 302 31.23 29.51 -13.49
CA ARG B 302 31.23 30.99 -13.59
C ARG B 302 29.82 31.47 -13.90
N PHE B 303 29.58 32.75 -13.73
CA PHE B 303 28.28 33.27 -14.05
C PHE B 303 28.29 34.71 -14.58
N VAL B 304 27.23 35.05 -15.30
CA VAL B 304 27.06 36.35 -15.90
C VAL B 304 25.67 36.88 -15.60
N ARG B 305 25.58 38.17 -15.29
CA ARG B 305 24.32 38.84 -15.07
C ARG B 305 24.06 39.62 -16.39
N LEU B 306 23.04 39.23 -17.15
CA LEU B 306 22.73 39.93 -18.40
C LEU B 306 21.24 40.25 -18.51
N PRO B 307 20.88 41.15 -19.42
CA PRO B 307 19.45 41.47 -19.53
C PRO B 307 18.72 40.84 -20.68
N VAL B 308 17.42 40.75 -20.53
CA VAL B 308 16.56 40.21 -21.58
C VAL B 308 16.60 41.27 -22.67
N ALA B 309 17.06 40.86 -23.83
CA ALA B 309 17.20 41.79 -24.93
C ALA B 309 16.05 41.78 -25.88
N ASN B 310 15.98 42.83 -26.68
CA ASN B 310 14.95 42.95 -27.71
C ASN B 310 15.20 41.82 -28.75
N PRO B 311 14.22 40.94 -29.00
CA PRO B 311 14.34 39.80 -29.95
C PRO B 311 15.06 40.11 -31.24
N GLN B 312 14.84 41.31 -31.75
CA GLN B 312 15.48 41.76 -32.97
C GLN B 312 16.96 41.45 -32.92
N ALA B 313 17.56 41.62 -31.73
CA ALA B 313 18.98 41.39 -31.54
C ALA B 313 19.42 39.99 -31.86
N CYS B 314 18.51 39.04 -31.74
CA CYS B 314 18.85 37.66 -32.05
C CYS B 314 18.52 37.38 -33.52
N GLU B 315 17.56 38.12 -34.08
CA GLU B 315 17.16 37.98 -35.49
C GLU B 315 18.39 37.85 -36.39
N GLN B 329 5.73 34.13 -28.92
CA GLN B 329 6.89 33.28 -29.16
C GLN B 329 7.37 32.50 -27.94
N ASN B 330 8.02 31.39 -28.24
CA ASN B 330 8.55 30.49 -27.24
C ASN B 330 10.02 30.68 -26.94
N MET B 331 10.59 31.79 -27.41
CA MET B 331 11.98 32.04 -27.17
C MET B 331 12.22 33.45 -26.73
N PHE B 332 13.45 33.77 -26.40
CA PHE B 332 13.76 35.12 -26.03
C PHE B 332 15.25 35.30 -26.17
N CYS B 333 15.64 36.56 -26.32
CA CYS B 333 17.02 36.95 -26.54
C CYS B 333 17.55 37.59 -25.29
N ALA B 334 18.82 37.36 -24.99
CA ALA B 334 19.40 38.00 -23.84
C ALA B 334 20.88 38.24 -24.07
N GLY B 335 21.36 39.32 -23.49
CA GLY B 335 22.74 39.61 -23.63
C GLY B 335 22.82 41.09 -23.72
N HIS B 336 23.95 41.53 -24.19
CA HIS B 336 24.16 42.93 -24.34
C HIS B 336 25.46 42.91 -25.07
N PRO B 337 25.57 43.81 -26.06
CA PRO B 337 26.79 43.90 -26.85
C PRO B 337 28.02 43.96 -25.98
N SER B 338 27.92 44.60 -24.83
CA SER B 338 29.10 44.69 -23.98
C SER B 338 29.69 43.35 -23.51
N LEU B 339 28.86 42.35 -23.21
CA LEU B 339 29.29 41.01 -22.73
C LEU B 339 30.18 40.22 -23.65
N LYS B 340 30.17 40.61 -24.91
CA LYS B 340 30.96 39.94 -25.94
C LYS B 340 30.74 38.46 -25.86
N GLN B 341 31.73 37.71 -25.41
CA GLN B 341 31.59 36.26 -25.34
C GLN B 341 30.99 35.81 -23.99
N ASP B 342 31.19 36.61 -22.95
CA ASP B 342 30.66 36.24 -21.66
C ASP B 342 29.22 35.92 -21.82
N ALA B 343 28.60 36.55 -22.80
CA ALA B 343 27.18 36.32 -23.05
C ALA B 343 26.83 34.83 -23.13
N CYS B 344 27.69 34.01 -23.72
CA CYS B 344 27.42 32.59 -23.81
C CYS B 344 28.05 31.83 -22.65
N GLN B 345 27.98 32.37 -21.44
CA GLN B 345 28.56 31.69 -20.27
C GLN B 345 27.78 30.40 -20.04
N GLY B 346 26.49 30.46 -20.36
CA GLY B 346 25.62 29.31 -20.19
C GLY B 346 26.13 28.09 -20.93
N ASP B 347 25.88 26.93 -20.35
CA ASP B 347 26.35 25.75 -20.98
C ASP B 347 25.46 25.03 -21.95
N SER B 348 24.32 25.58 -22.33
CA SER B 348 23.50 24.82 -23.27
C SER B 348 22.78 23.73 -22.44
N GLY B 349 21.49 23.97 -22.22
CA GLY B 349 20.69 23.09 -21.39
C GLY B 349 20.70 23.79 -20.06
N GLY B 350 21.61 24.77 -19.94
CA GLY B 350 21.69 25.55 -18.73
C GLY B 350 20.46 26.42 -18.55
N VAL B 351 20.32 27.00 -17.38
CA VAL B 351 19.15 27.79 -17.15
C VAL B 351 19.44 29.27 -16.96
N PHE B 352 18.57 30.12 -17.50
CA PHE B 352 18.63 31.58 -17.35
C PHE B 352 17.79 31.83 -16.08
N ALA B 353 18.46 32.11 -14.97
CA ALA B 353 17.74 32.29 -13.72
C ALA B 353 17.44 33.73 -13.31
N VAL B 354 16.25 33.94 -12.77
CA VAL B 354 15.84 35.24 -12.33
C VAL B 354 15.45 35.21 -10.88
N ARG B 355 15.90 36.23 -10.15
CA ARG B 355 15.57 36.40 -8.74
C ARG B 355 14.38 37.37 -8.82
N ASP B 356 13.17 36.83 -8.77
CA ASP B 356 11.99 37.68 -8.81
C ASP B 356 12.10 38.58 -7.56
N PRO B 357 12.36 39.89 -7.75
CA PRO B 357 12.50 40.74 -6.56
C PRO B 357 11.18 40.94 -5.80
N ASN B 358 10.09 40.41 -6.32
CA ASN B 358 8.84 40.63 -5.64
C ASN B 358 8.49 39.50 -4.73
N THR B 359 9.26 38.45 -4.84
CA THR B 359 8.95 37.21 -4.16
C THR B 359 10.19 36.70 -3.44
N ASP B 360 11.32 37.24 -3.88
CA ASP B 360 12.66 36.89 -3.44
C ASP B 360 13.04 35.46 -3.72
N ARG B 361 12.29 34.76 -4.56
CA ARG B 361 12.63 33.37 -4.90
C ARG B 361 13.17 33.34 -6.34
N TRP B 362 14.06 32.38 -6.65
CA TRP B 362 14.67 32.25 -7.96
C TRP B 362 13.85 31.33 -8.91
N VAL B 363 13.61 31.78 -10.13
CA VAL B 363 12.88 30.95 -11.08
C VAL B 363 13.65 30.80 -12.35
N ALA B 364 13.40 29.71 -13.06
CA ALA B 364 14.04 29.40 -14.32
C ALA B 364 13.25 30.02 -15.46
N THR B 365 13.57 31.24 -15.86
CA THR B 365 12.81 31.83 -16.92
C THR B 365 13.24 31.32 -18.28
N GLY B 366 14.51 30.98 -18.44
CA GLY B 366 14.94 30.50 -19.75
C GLY B 366 15.91 29.34 -19.77
N ILE B 367 15.95 28.64 -20.91
CA ILE B 367 16.83 27.51 -21.15
C ILE B 367 17.82 27.89 -22.23
N VAL B 368 19.11 27.83 -21.90
CA VAL B 368 20.15 28.16 -22.86
C VAL B 368 19.98 27.32 -24.11
N SER B 369 19.72 27.95 -25.24
CA SER B 369 19.51 27.22 -26.49
C SER B 369 20.60 27.42 -27.53
N TRP B 370 20.19 27.65 -28.77
CA TRP B 370 21.07 27.90 -29.91
C TRP B 370 22.02 29.05 -29.55
N GLY B 371 23.31 28.75 -29.45
CA GLY B 371 24.26 29.77 -29.08
C GLY B 371 24.97 30.45 -30.23
N ILE B 372 24.80 29.89 -31.43
CA ILE B 372 25.42 30.43 -32.64
C ILE B 372 24.96 31.88 -32.82
N GLY B 373 25.86 32.82 -32.53
CA GLY B 373 25.56 34.24 -32.66
C GLY B 373 25.75 34.95 -31.34
N CYS B 374 26.44 34.29 -30.42
CA CYS B 374 26.64 34.89 -29.12
C CYS B 374 28.06 35.46 -29.03
N SER B 375 28.67 35.70 -30.19
CA SER B 375 29.99 36.31 -30.23
C SER B 375 29.63 37.79 -30.09
N ARG B 376 28.43 38.12 -30.54
CA ARG B 376 27.91 39.47 -30.48
C ARG B 376 27.25 39.76 -29.10
N GLY B 377 27.53 38.91 -28.11
CA GLY B 377 26.94 39.13 -26.80
C GLY B 377 25.47 38.71 -26.65
N TYR B 378 24.87 38.21 -27.71
CA TYR B 378 23.48 37.82 -27.60
C TYR B 378 23.27 36.33 -27.54
N GLY B 379 22.11 35.94 -27.02
CA GLY B 379 21.83 34.52 -26.91
C GLY B 379 20.37 34.13 -27.05
N PHE B 380 20.16 32.91 -27.53
CA PHE B 380 18.83 32.35 -27.72
C PHE B 380 18.46 31.46 -26.55
N TYR B 381 17.33 31.75 -25.95
CA TYR B 381 16.89 30.96 -24.82
C TYR B 381 15.47 30.55 -25.03
N THR B 382 15.19 29.28 -24.73
CA THR B 382 13.83 28.78 -24.82
C THR B 382 13.05 29.39 -23.66
N LYS B 383 11.84 29.86 -23.91
CA LYS B 383 11.03 30.50 -22.86
C LYS B 383 10.35 29.41 -22.03
N VAL B 384 10.83 29.22 -20.80
CA VAL B 384 10.30 28.17 -19.95
C VAL B 384 8.84 28.33 -19.58
N LEU B 385 8.41 29.56 -19.29
CA LEU B 385 6.99 29.79 -18.95
C LEU B 385 6.06 29.17 -19.98
N ASN B 386 6.43 29.20 -21.25
CA ASN B 386 5.57 28.59 -22.26
C ASN B 386 5.49 27.07 -22.19
N TYR B 387 6.31 26.43 -21.37
CA TYR B 387 6.24 24.98 -21.29
C TYR B 387 5.98 24.45 -19.89
N VAL B 388 5.78 25.33 -18.94
CA VAL B 388 5.55 24.88 -17.58
C VAL B 388 4.53 23.77 -17.54
N ASP B 389 3.39 23.97 -18.16
CA ASP B 389 2.35 22.93 -18.15
C ASP B 389 2.89 21.54 -18.52
N TRP B 390 3.58 21.47 -19.64
CA TRP B 390 4.14 20.22 -20.12
C TRP B 390 5.12 19.68 -19.10
N ILE B 391 5.92 20.55 -18.50
CA ILE B 391 6.90 20.09 -17.53
C ILE B 391 6.19 19.43 -16.37
N LYS B 392 5.30 20.18 -15.75
CA LYS B 392 4.55 19.65 -14.63
C LYS B 392 3.85 18.35 -15.03
N LYS B 393 3.27 18.30 -16.21
CA LYS B 393 2.62 17.08 -16.63
C LYS B 393 3.63 15.93 -16.62
N GLU B 394 4.80 16.15 -17.18
CA GLU B 394 5.84 15.13 -17.19
C GLU B 394 6.28 14.71 -15.79
N MET B 395 6.30 15.64 -14.85
CA MET B 395 6.72 15.32 -13.50
C MET B 395 5.59 14.71 -12.71
N GLU B 396 4.58 14.24 -13.43
CA GLU B 396 3.38 13.63 -12.85
C GLU B 396 2.88 14.37 -11.58
N GLU B 397 3.40 14.09 -10.46
C1 NAG C . -32.15 -23.68 -12.11
C2 NAG C . -31.19 -23.98 -13.27
C3 NAG C . -31.71 -25.16 -14.10
C4 NAG C . -31.78 -26.34 -13.13
C5 NAG C . -32.82 -26.00 -12.06
C6 NAG C . -33.10 -27.14 -11.09
C7 NAG C . -30.38 -21.75 -13.59
C8 NAG C . -31.22 -20.49 -13.38
N2 NAG C . -31.00 -22.80 -14.10
O3 NAG C . -30.81 -25.42 -15.16
O4 NAG C . -32.08 -27.59 -13.79
O5 NAG C . -32.37 -24.86 -11.30
O6 NAG C . -31.90 -27.88 -10.83
O7 NAG C . -29.18 -21.75 -13.25
C1 NAG C . -33.23 -27.70 -14.54
C2 NAG C . -33.94 -29.04 -14.23
C3 NAG C . -33.07 -30.23 -14.70
C4 NAG C . -32.65 -30.04 -16.17
C5 NAG C . -31.95 -28.69 -16.31
C6 NAG C . -31.43 -28.38 -17.70
C7 NAG C . -35.21 -29.87 -12.36
C8 NAG C . -36.38 -29.09 -11.75
N2 NAG C . -34.18 -29.17 -12.81
O3 NAG C . -33.81 -31.44 -14.56
O4 NAG C . -31.80 -31.10 -16.56
O5 NAG C . -32.85 -27.63 -15.93
O6 NAG C . -30.25 -27.60 -17.66
O7 NAG C . -35.26 -31.10 -12.41
C1 FUC C . -32.08 -28.85 -9.82
C2 FUC C . -30.86 -29.74 -9.74
C3 FUC C . -29.66 -28.97 -9.12
C4 FUC C . -30.05 -28.26 -7.81
C5 FUC C . -31.32 -27.43 -8.03
C6 FUC C . -31.83 -26.82 -6.74
O2 FUC C . -30.54 -30.14 -11.06
O3 FUC C . -28.59 -29.87 -8.86
O4 FUC C . -30.27 -29.22 -6.78
O5 FUC C . -32.36 -28.27 -8.55
C1 NAG D . 30.63 4.25 -29.59
C2 NAG D . 30.81 5.45 -30.55
C3 NAG D . 32.23 6.00 -30.54
C4 NAG D . 32.68 6.30 -29.10
C5 NAG D . 32.53 5.02 -28.26
C6 NAG D . 32.91 5.25 -26.78
C7 NAG D . 29.73 5.99 -32.61
C8 NAG D . 28.50 5.48 -33.35
N2 NAG D . 30.44 5.11 -31.90
O3 NAG D . 32.27 7.20 -31.31
O4 NAG D . 34.05 6.75 -29.06
O5 NAG D . 31.16 4.55 -28.26
O6 NAG D . 32.20 6.42 -26.27
O7 NAG D . 30.03 7.18 -32.67
C1 NAG D . 34.33 7.88 -28.30
C2 NAG D . 35.84 7.97 -28.03
C3 NAG D . 36.16 9.27 -27.27
C4 NAG D . 35.70 10.42 -28.16
C5 NAG D . 34.19 10.30 -28.33
C6 NAG D . 33.59 11.45 -29.14
C7 NAG D . 36.44 5.64 -27.88
C8 NAG D . 36.54 4.42 -26.98
N2 NAG D . 36.30 6.81 -27.28
O3 NAG D . 37.55 9.37 -27.00
O4 NAG D . 36.08 11.70 -27.60
O5 NAG D . 33.88 9.06 -29.02
O6 NAG D . 33.04 11.01 -30.37
O7 NAG D . 36.48 5.51 -29.12
C1 MAN D . 36.78 12.48 -28.50
C2 MAN D . 38.23 12.75 -28.04
C3 MAN D . 38.34 13.96 -27.10
C4 MAN D . 37.61 15.15 -27.72
C5 MAN D . 36.14 14.79 -27.93
C6 MAN D . 35.35 15.96 -28.53
O2 MAN D . 39.07 12.95 -29.18
O3 MAN D . 39.71 14.27 -26.90
O4 MAN D . 37.70 16.29 -26.87
O5 MAN D . 36.02 13.67 -28.87
O6 MAN D . 34.04 16.06 -28.00
C1 FUC D . 32.38 6.66 -24.89
C2 FUC D . 31.40 7.76 -24.44
C3 FUC D . 29.98 7.20 -24.63
C4 FUC D . 29.80 6.01 -23.71
C5 FUC D . 30.83 4.92 -24.08
C6 FUC D . 30.83 3.78 -23.09
O2 FUC D . 31.62 8.94 -25.19
O3 FUC D . 28.99 8.19 -24.35
O4 FUC D . 30.00 6.42 -22.37
O5 FUC D . 32.18 5.48 -24.08
C1 NAG E . -1.54 32.74 -17.73
C2 NAG E . -2.08 32.51 -19.17
C3 NAG E . -3.53 31.93 -19.23
C4 NAG E . -3.80 30.86 -18.16
C5 NAG E . -3.34 31.42 -16.81
C6 NAG E . -3.59 30.51 -15.63
C7 NAG E . -2.05 33.82 -21.21
C8 NAG E . -2.69 35.03 -21.89
N2 NAG E . -2.06 33.78 -19.88
O3 NAG E . -3.79 31.35 -20.51
O4 NAG E . -5.19 30.56 -18.15
O5 NAG E . -1.92 31.66 -16.85
O6 NAG E . -3.08 31.07 -14.42
O7 NAG E . -1.55 32.94 -21.89
#